data_9CVB
#
_entry.id   9CVB
#
_cell.length_a   45.410
_cell.length_b   70.930
_cell.length_c   90.920
_cell.angle_alpha   90.000
_cell.angle_beta   92.490
_cell.angle_gamma   90.000
#
_symmetry.space_group_name_H-M   'P 1 21 1'
#
loop_
_entity.id
_entity.type
_entity.pdbx_description
1 polymer Ribokinase
2 non-polymer 1,2-ETHANEDIOL
3 non-polymer 'PHOSPHOAMINOPHOSPHONIC ACID-ADENYLATE ESTER'
4 non-polymer 'MAGNESIUM ION'
5 non-polymer 'POTASSIUM ION'
6 non-polymer 'TETRAETHYLENE GLYCOL'
7 non-polymer 'CHLORIDE ION'
8 water water
#
_entity_poly.entity_id   1
_entity_poly.type   'polypeptide(L)'
_entity_poly.pdbx_seq_one_letter_code
;MAASGEPQRQWQEEVAAVVVVGSCMTDLVSLTSRLPKTGETIHGHKFFIGFGGKGANQCVQAARLGAMTSMVCKVGKDSF
GNDYIENLKQNDISTEFTYQTKDAATGTASIIVNNEGQNIIVIVAGANLLLNTEDLRAAANVISRAKVMVCQLEITPATS
LEALTMARRSGVKTLFNPAPAIADLDPQFYTLSDVFCCNESEAEILTGLTVGSAADAGEAALVLLKRGCQVVIITLGAEG
CVVLSQTEPEPKHIPTEKVKAVDTTGAGDSFVGALAFYLAYYPNLSLEDMLNRSNFIAAVSVQAAGTQSSYPYKKDLPLT
LFLEHHHHHH
;
_entity_poly.pdbx_strand_id   A,B
#
loop_
_chem_comp.id
_chem_comp.type
_chem_comp.name
_chem_comp.formula
ANP non-polymer 'PHOSPHOAMINOPHOSPHONIC ACID-ADENYLATE ESTER' 'C10 H17 N6 O12 P3'
CL non-polymer 'CHLORIDE ION' 'Cl -1'
EDO non-polymer 1,2-ETHANEDIOL 'C2 H6 O2'
K non-polymer 'POTASSIUM ION' 'K 1'
MG non-polymer 'MAGNESIUM ION' 'Mg 2'
PG4 non-polymer 'TETRAETHYLENE GLYCOL' 'C8 H18 O5'
#
# COMPACT_ATOMS: atom_id res chain seq x y z
N GLU A 14 -19.31 -29.87 14.33
CA GLU A 14 -18.51 -28.63 14.47
C GLU A 14 -19.30 -27.40 13.99
N VAL A 15 -20.37 -27.04 14.69
CA VAL A 15 -21.19 -25.89 14.32
C VAL A 15 -20.42 -24.63 14.72
N ALA A 16 -20.35 -23.62 13.83
CA ALA A 16 -19.74 -22.35 14.23
C ALA A 16 -20.69 -21.61 15.18
N ALA A 17 -20.20 -21.30 16.38
CA ALA A 17 -21.02 -20.60 17.36
C ALA A 17 -20.90 -19.08 17.14
N VAL A 18 -19.75 -18.63 16.62
CA VAL A 18 -19.51 -17.21 16.38
C VAL A 18 -19.33 -17.04 14.87
N VAL A 19 -20.19 -16.22 14.27
CA VAL A 19 -20.13 -15.94 12.86
C VAL A 19 -19.89 -14.44 12.72
N VAL A 20 -18.78 -14.06 12.10
CA VAL A 20 -18.46 -12.66 11.88
C VAL A 20 -18.73 -12.35 10.41
N VAL A 21 -19.63 -11.39 10.16
CA VAL A 21 -19.91 -10.95 8.81
C VAL A 21 -19.27 -9.57 8.71
N GLY A 22 -18.17 -9.48 7.97
CA GLY A 22 -17.41 -8.22 8.03
C GLY A 22 -16.16 -8.24 7.17
N SER A 23 -15.18 -7.44 7.56
CA SER A 23 -14.08 -7.05 6.69
C SER A 23 -12.78 -7.83 6.90
N CYS A 24 -12.04 -7.96 5.80
CA CYS A 24 -10.65 -8.38 5.78
C CYS A 24 -9.90 -7.32 5.00
N MET A 25 -8.74 -6.90 5.51
N MET A 25 -8.74 -6.90 5.51
CA MET A 25 -7.94 -5.87 4.86
CA MET A 25 -7.93 -5.93 4.79
C MET A 25 -6.48 -6.28 4.94
C MET A 25 -6.47 -6.30 4.93
N THR A 26 -5.72 -6.07 3.86
CA THR A 26 -4.28 -6.27 3.87
C THR A 26 -3.65 -4.96 4.34
N ASP A 27 -2.81 -5.05 5.36
CA ASP A 27 -2.07 -3.91 5.85
C ASP A 27 -0.74 -3.78 5.09
N LEU A 28 -0.51 -2.62 4.49
CA LEU A 28 0.68 -2.36 3.71
C LEU A 28 1.44 -1.26 4.45
N VAL A 29 2.47 -1.65 5.19
CA VAL A 29 3.06 -0.80 6.19
C VAL A 29 4.44 -0.35 5.79
N SER A 30 4.65 0.99 5.77
CA SER A 30 5.96 1.57 5.56
C SER A 30 6.41 2.27 6.83
N LEU A 31 7.64 1.97 7.27
CA LEU A 31 8.25 2.60 8.42
C LEU A 31 9.20 3.70 7.96
N THR A 32 9.05 4.89 8.58
CA THR A 32 9.79 6.08 8.21
C THR A 32 10.25 6.79 9.49
N SER A 33 11.14 7.77 9.33
N SER A 33 11.15 7.75 9.32
CA SER A 33 11.60 8.56 10.46
CA SER A 33 11.63 8.58 10.41
C SER A 33 10.72 9.79 10.67
C SER A 33 10.64 9.71 10.70
N ARG A 34 9.95 10.18 9.67
CA ARG A 34 9.03 11.30 9.79
C ARG A 34 7.81 11.02 8.92
N LEU A 35 6.64 11.55 9.31
CA LEU A 35 5.45 11.39 8.49
C LEU A 35 5.42 12.48 7.42
N PRO A 36 5.12 12.13 6.16
CA PRO A 36 5.00 13.14 5.11
C PRO A 36 3.70 13.93 5.18
N LYS A 37 3.79 15.16 4.71
CA LYS A 37 2.67 16.06 4.47
C LYS A 37 2.38 16.08 2.97
N THR A 38 1.23 16.70 2.61
CA THR A 38 0.82 16.85 1.22
C THR A 38 2.00 17.29 0.34
N GLY A 39 2.17 16.59 -0.78
CA GLY A 39 3.10 17.00 -1.83
C GLY A 39 4.48 16.38 -1.64
N GLU A 40 4.74 15.76 -0.47
CA GLU A 40 6.07 15.25 -0.16
C GLU A 40 6.26 13.81 -0.63
N THR A 41 7.48 13.53 -1.14
CA THR A 41 8.00 12.17 -1.30
C THR A 41 9.13 11.97 -0.30
N ILE A 42 9.01 10.88 0.47
CA ILE A 42 10.04 10.54 1.45
C ILE A 42 10.46 9.09 1.25
N HIS A 43 11.64 8.77 1.79
CA HIS A 43 12.10 7.39 1.82
C HIS A 43 11.88 6.79 3.20
N GLY A 44 11.37 5.57 3.25
CA GLY A 44 11.29 4.84 4.51
C GLY A 44 12.38 3.78 4.53
N HIS A 45 12.45 3.02 5.62
CA HIS A 45 13.56 2.06 5.80
C HIS A 45 13.09 0.61 5.85
N LYS A 46 11.77 0.40 5.93
CA LYS A 46 11.21 -0.93 5.97
C LYS A 46 9.77 -0.91 5.47
N PHE A 47 9.40 -1.96 4.72
CA PHE A 47 8.05 -2.22 4.31
C PHE A 47 7.67 -3.63 4.72
N PHE A 48 6.46 -3.83 5.19
CA PHE A 48 5.98 -5.19 5.44
C PHE A 48 4.47 -5.26 5.28
N ILE A 49 4.00 -6.49 5.09
CA ILE A 49 2.58 -6.78 4.91
C ILE A 49 2.05 -7.41 6.20
N GLY A 50 0.86 -6.98 6.62
CA GLY A 50 0.17 -7.61 7.72
C GLY A 50 -1.29 -7.85 7.41
N PHE A 51 -1.96 -8.54 8.32
CA PHE A 51 -3.37 -8.85 8.15
C PHE A 51 -4.20 -8.02 9.14
N GLY A 52 -5.25 -7.37 8.61
CA GLY A 52 -6.13 -6.55 9.40
C GLY A 52 -7.55 -6.66 8.90
N GLY A 53 -8.29 -5.58 9.16
CA GLY A 53 -9.73 -5.55 8.99
C GLY A 53 -10.42 -5.89 10.32
N LYS A 54 -11.40 -5.04 10.69
CA LYS A 54 -12.04 -5.21 11.98
C LYS A 54 -12.72 -6.58 12.11
N GLY A 55 -13.40 -7.02 11.05
CA GLY A 55 -14.08 -8.31 11.13
C GLY A 55 -13.12 -9.46 11.40
N ALA A 56 -12.08 -9.55 10.56
CA ALA A 56 -11.12 -10.60 10.73
C ALA A 56 -10.38 -10.49 12.05
N ASN A 57 -10.02 -9.27 12.50
CA ASN A 57 -9.33 -9.14 13.77
C ASN A 57 -10.20 -9.73 14.89
N GLN A 58 -11.49 -9.37 14.89
CA GLN A 58 -12.41 -9.83 15.95
C GLN A 58 -12.51 -11.36 15.90
N CYS A 59 -12.65 -11.89 14.68
CA CYS A 59 -12.83 -13.32 14.49
C CYS A 59 -11.58 -14.04 14.99
N VAL A 60 -10.37 -13.50 14.70
CA VAL A 60 -9.14 -14.11 15.13
C VAL A 60 -9.08 -14.16 16.66
N GLN A 61 -9.38 -13.06 17.36
CA GLN A 61 -9.33 -13.11 18.81
C GLN A 61 -10.32 -14.16 19.34
N ALA A 62 -11.52 -14.22 18.82
CA ALA A 62 -12.51 -15.19 19.32
C ALA A 62 -11.99 -16.61 19.08
N ALA A 63 -11.41 -16.87 17.90
CA ALA A 63 -10.91 -18.20 17.56
C ALA A 63 -9.78 -18.62 18.49
N ARG A 64 -8.91 -17.66 18.81
CA ARG A 64 -7.78 -17.97 19.66
C ARG A 64 -8.23 -18.32 21.08
N LEU A 65 -9.39 -17.82 21.51
CA LEU A 65 -9.92 -18.15 22.81
C LEU A 65 -10.62 -19.51 22.81
N GLY A 66 -10.82 -20.10 21.61
CA GLY A 66 -11.36 -21.45 21.51
C GLY A 66 -12.72 -21.49 20.81
N ALA A 67 -13.23 -20.35 20.35
CA ALA A 67 -14.49 -20.35 19.62
C ALA A 67 -14.35 -21.11 18.30
N MET A 68 -15.39 -21.87 17.93
N MET A 68 -15.40 -21.84 17.94
CA MET A 68 -15.62 -22.29 16.57
CA MET A 68 -15.62 -22.28 16.57
C MET A 68 -16.24 -21.12 15.81
C MET A 68 -16.24 -21.12 15.81
N THR A 69 -15.44 -20.55 14.89
CA THR A 69 -15.82 -19.34 14.18
C THR A 69 -15.89 -19.57 12.69
N SER A 70 -16.61 -18.66 12.02
CA SER A 70 -16.70 -18.64 10.57
C SER A 70 -16.73 -17.17 10.14
N MET A 71 -15.90 -16.81 9.16
CA MET A 71 -15.79 -15.44 8.69
C MET A 71 -16.54 -15.35 7.36
N VAL A 72 -17.60 -14.55 7.31
CA VAL A 72 -18.34 -14.25 6.09
C VAL A 72 -17.79 -12.94 5.56
N CYS A 73 -17.10 -13.01 4.42
CA CYS A 73 -16.35 -11.86 3.96
C CYS A 73 -16.04 -12.02 2.48
N LYS A 74 -15.53 -10.97 1.84
CA LYS A 74 -15.16 -11.03 0.46
C LYS A 74 -13.81 -10.34 0.28
N VAL A 75 -12.91 -11.03 -0.41
CA VAL A 75 -11.58 -10.53 -0.74
C VAL A 75 -11.47 -10.58 -2.27
N GLY A 76 -10.36 -10.08 -2.80
CA GLY A 76 -10.15 -10.16 -4.24
C GLY A 76 -9.65 -11.54 -4.67
N LYS A 77 -9.87 -11.85 -5.95
CA LYS A 77 -9.24 -12.99 -6.59
C LYS A 77 -7.83 -12.56 -7.02
N ASP A 78 -6.99 -12.40 -6.00
CA ASP A 78 -5.66 -11.83 -6.14
C ASP A 78 -4.76 -12.43 -5.05
N SER A 79 -3.47 -12.13 -5.13
N SER A 79 -3.46 -12.12 -5.10
CA SER A 79 -2.51 -12.65 -4.18
CA SER A 79 -2.53 -12.72 -4.16
C SER A 79 -2.88 -12.30 -2.72
C SER A 79 -2.87 -12.31 -2.72
N PHE A 80 -3.28 -11.06 -2.48
CA PHE A 80 -3.62 -10.62 -1.15
C PHE A 80 -4.80 -11.45 -0.62
N GLY A 81 -5.79 -11.70 -1.49
CA GLY A 81 -6.95 -12.47 -1.09
C GLY A 81 -6.64 -13.93 -0.77
N ASN A 82 -5.81 -14.54 -1.61
CA ASN A 82 -5.38 -15.91 -1.36
C ASN A 82 -4.60 -15.98 -0.05
N ASP A 83 -3.73 -14.99 0.20
CA ASP A 83 -2.96 -14.94 1.44
C ASP A 83 -3.89 -14.81 2.64
N TYR A 84 -4.95 -14.00 2.50
CA TYR A 84 -5.87 -13.78 3.61
C TYR A 84 -6.56 -15.10 3.95
N ILE A 85 -6.97 -15.86 2.94
CA ILE A 85 -7.63 -17.14 3.18
C ILE A 85 -6.68 -18.03 3.99
N GLU A 86 -5.40 -18.05 3.63
N GLU A 86 -5.40 -18.06 3.64
CA GLU A 86 -4.44 -18.85 4.38
CA GLU A 86 -4.46 -18.86 4.39
C GLU A 86 -4.30 -18.36 5.83
C GLU A 86 -4.30 -18.37 5.83
N ASN A 87 -4.34 -17.05 6.04
CA ASN A 87 -4.29 -16.47 7.38
C ASN A 87 -5.47 -16.97 8.23
N LEU A 88 -6.67 -16.97 7.65
CA LEU A 88 -7.81 -17.43 8.42
C LEU A 88 -7.66 -18.92 8.76
N LYS A 89 -7.21 -19.73 7.79
CA LYS A 89 -7.01 -21.14 8.04
C LYS A 89 -5.99 -21.37 9.15
N GLN A 90 -4.90 -20.58 9.16
CA GLN A 90 -3.86 -20.74 10.18
C GLN A 90 -4.37 -20.42 11.58
N ASN A 91 -5.43 -19.61 11.67
CA ASN A 91 -6.06 -19.25 12.93
C ASN A 91 -7.29 -20.14 13.22
N ASP A 92 -7.46 -21.25 12.48
CA ASP A 92 -8.50 -22.25 12.70
C ASP A 92 -9.90 -21.65 12.54
N ILE A 93 -10.00 -20.67 11.63
CA ILE A 93 -11.28 -20.08 11.27
C ILE A 93 -11.83 -20.76 10.04
N SER A 94 -13.14 -21.06 10.02
CA SER A 94 -13.77 -21.62 8.83
C SER A 94 -13.74 -20.60 7.71
N THR A 95 -13.34 -21.07 6.52
CA THR A 95 -13.28 -20.24 5.33
C THR A 95 -14.37 -20.61 4.33
N GLU A 96 -15.41 -21.30 4.80
CA GLU A 96 -16.46 -21.71 3.89
C GLU A 96 -17.28 -20.54 3.35
N PHE A 97 -17.18 -19.33 3.92
CA PHE A 97 -17.91 -18.17 3.41
C PHE A 97 -16.96 -17.00 3.17
N THR A 98 -15.69 -17.33 2.88
CA THR A 98 -14.72 -16.36 2.43
C THR A 98 -14.73 -16.34 0.91
N TYR A 99 -15.44 -15.36 0.36
CA TYR A 99 -15.65 -15.25 -1.08
C TYR A 99 -14.51 -14.46 -1.73
N GLN A 100 -14.34 -14.64 -3.04
CA GLN A 100 -13.39 -13.88 -3.85
C GLN A 100 -14.13 -13.25 -5.02
N THR A 101 -13.63 -12.08 -5.45
CA THR A 101 -14.21 -11.42 -6.61
C THR A 101 -13.09 -10.92 -7.54
N LYS A 102 -13.33 -11.03 -8.86
CA LYS A 102 -12.47 -10.41 -9.86
C LYS A 102 -12.82 -8.94 -10.06
N ASP A 103 -13.93 -8.46 -9.47
CA ASP A 103 -14.46 -7.13 -9.78
C ASP A 103 -13.85 -6.04 -8.86
N ALA A 104 -13.04 -6.40 -7.87
CA ALA A 104 -12.35 -5.44 -7.01
C ALA A 104 -11.17 -6.11 -6.31
N ALA A 105 -10.14 -5.30 -5.98
CA ALA A 105 -8.99 -5.76 -5.23
C ALA A 105 -9.40 -6.02 -3.78
N THR A 106 -8.66 -6.93 -3.13
CA THR A 106 -8.78 -7.10 -1.67
C THR A 106 -8.69 -5.73 -1.01
N GLY A 107 -9.47 -5.49 0.06
CA GLY A 107 -9.38 -4.28 0.84
C GLY A 107 -7.96 -4.07 1.35
N THR A 108 -7.59 -2.79 1.44
CA THR A 108 -6.22 -2.42 1.82
C THR A 108 -6.24 -1.33 2.88
N ALA A 109 -5.21 -1.35 3.73
CA ALA A 109 -4.89 -0.26 4.62
C ALA A 109 -3.43 0.09 4.35
N SER A 110 -3.21 1.26 3.76
N SER A 110 -3.20 1.25 3.75
CA SER A 110 -1.87 1.74 3.53
CA SER A 110 -1.88 1.79 3.48
C SER A 110 -1.49 2.61 4.72
C SER A 110 -1.49 2.61 4.70
N ILE A 111 -0.43 2.18 5.40
CA ILE A 111 -0.07 2.70 6.70
C ILE A 111 1.36 3.21 6.65
N ILE A 112 1.54 4.47 7.05
CA ILE A 112 2.86 5.03 7.21
C ILE A 112 3.06 5.26 8.71
N VAL A 113 4.18 4.75 9.28
CA VAL A 113 4.43 4.83 10.71
C VAL A 113 5.79 5.48 10.95
N ASN A 114 5.87 6.46 11.86
CA ASN A 114 7.16 7.07 12.20
C ASN A 114 7.78 6.34 13.40
N ASN A 115 8.97 6.79 13.84
CA ASN A 115 9.74 6.06 14.84
C ASN A 115 9.13 6.14 16.23
N GLU A 116 8.22 7.10 16.43
CA GLU A 116 7.49 7.24 17.67
C GLU A 116 6.14 6.51 17.63
N GLY A 117 5.82 5.88 16.49
CA GLY A 117 4.62 5.06 16.40
C GLY A 117 3.38 5.83 15.94
N GLN A 118 3.56 7.10 15.56
CA GLN A 118 2.45 7.87 15.01
C GLN A 118 2.24 7.45 13.56
N ASN A 119 1.01 7.51 13.07
CA ASN A 119 0.75 7.03 11.73
C ASN A 119 -0.24 7.90 10.95
N ILE A 120 -0.19 7.70 9.63
CA ILE A 120 -1.25 8.07 8.71
C ILE A 120 -1.72 6.79 8.03
N ILE A 121 -3.05 6.70 7.85
CA ILE A 121 -3.65 5.51 7.28
C ILE A 121 -4.64 5.89 6.18
N VAL A 122 -4.57 5.16 5.07
CA VAL A 122 -5.57 5.27 4.01
C VAL A 122 -6.14 3.88 3.79
N ILE A 123 -7.45 3.76 4.02
CA ILE A 123 -8.19 2.51 3.86
C ILE A 123 -8.96 2.57 2.54
N VAL A 124 -8.83 1.50 1.75
CA VAL A 124 -9.65 1.33 0.57
C VAL A 124 -10.41 0.03 0.77
N ALA A 125 -11.74 0.14 0.97
CA ALA A 125 -12.50 -1.05 1.37
C ALA A 125 -12.48 -2.11 0.27
N GLY A 126 -12.51 -1.72 -1.01
CA GLY A 126 -12.29 -2.68 -2.08
C GLY A 126 -13.35 -3.79 -2.11
N ALA A 127 -12.88 -5.03 -2.18
CA ALA A 127 -13.76 -6.18 -2.28
C ALA A 127 -14.72 -6.31 -1.09
N ASN A 128 -14.39 -5.73 0.06
CA ASN A 128 -15.29 -5.79 1.20
C ASN A 128 -16.64 -5.17 0.83
N LEU A 129 -16.65 -4.16 -0.04
CA LEU A 129 -17.90 -3.49 -0.37
C LEU A 129 -18.75 -4.33 -1.34
N LEU A 130 -18.18 -5.36 -1.92
CA LEU A 130 -18.90 -6.18 -2.87
C LEU A 130 -19.52 -7.41 -2.22
N LEU A 131 -19.30 -7.63 -0.90
CA LEU A 131 -20.06 -8.66 -0.20
C LEU A 131 -21.54 -8.28 -0.29
N ASN A 132 -22.38 -9.15 -0.84
CA ASN A 132 -23.71 -8.75 -1.30
C ASN A 132 -24.80 -9.66 -0.77
N THR A 133 -26.04 -9.38 -1.18
CA THR A 133 -27.21 -10.15 -0.74
C THR A 133 -27.07 -11.62 -1.11
N GLU A 134 -26.58 -11.91 -2.32
CA GLU A 134 -26.47 -13.29 -2.78
C GLU A 134 -25.49 -14.04 -1.87
N ASP A 135 -24.40 -13.39 -1.48
CA ASP A 135 -23.41 -13.99 -0.61
C ASP A 135 -24.01 -14.28 0.76
N LEU A 136 -24.80 -13.37 1.31
CA LEU A 136 -25.45 -13.57 2.60
C LEU A 136 -26.46 -14.71 2.49
N ARG A 137 -27.20 -14.81 1.37
CA ARG A 137 -28.19 -15.86 1.22
C ARG A 137 -27.47 -17.21 1.24
N ALA A 138 -26.27 -17.29 0.61
CA ALA A 138 -25.52 -18.54 0.60
C ALA A 138 -25.05 -18.86 2.03
N ALA A 139 -24.79 -17.82 2.83
CA ALA A 139 -24.38 -17.98 4.21
C ALA A 139 -25.55 -18.07 5.18
N ALA A 140 -26.78 -18.08 4.66
CA ALA A 140 -27.94 -17.90 5.53
C ALA A 140 -28.02 -19.01 6.56
N ASN A 141 -27.70 -20.25 6.15
CA ASN A 141 -27.86 -21.37 7.04
C ASN A 141 -26.85 -21.27 8.18
N VAL A 142 -25.59 -20.89 7.87
CA VAL A 142 -24.59 -20.78 8.91
C VAL A 142 -24.89 -19.60 9.84
N ILE A 143 -25.39 -18.49 9.30
CA ILE A 143 -25.78 -17.36 10.15
C ILE A 143 -26.87 -17.82 11.12
N SER A 144 -27.86 -18.53 10.58
N SER A 144 -27.85 -18.53 10.60
CA SER A 144 -29.07 -18.86 11.34
CA SER A 144 -29.06 -18.83 11.35
C SER A 144 -28.77 -19.82 12.48
C SER A 144 -28.80 -19.85 12.46
N ARG A 145 -27.72 -20.64 12.34
CA ARG A 145 -27.38 -21.67 13.32
C ARG A 145 -26.36 -21.23 14.37
N ALA A 146 -25.89 -19.98 14.26
CA ALA A 146 -24.89 -19.47 15.18
C ALA A 146 -25.54 -19.07 16.51
N LYS A 147 -24.67 -18.87 17.51
CA LYS A 147 -25.09 -18.24 18.75
C LYS A 147 -25.02 -16.72 18.67
N VAL A 148 -23.93 -16.25 18.02
CA VAL A 148 -23.65 -14.82 17.96
C VAL A 148 -23.23 -14.49 16.53
N MET A 149 -23.76 -13.39 16.02
CA MET A 149 -23.37 -12.82 14.75
C MET A 149 -22.78 -11.44 15.05
N VAL A 150 -21.53 -11.24 14.61
CA VAL A 150 -20.80 -10.01 14.82
C VAL A 150 -20.66 -9.25 13.50
N CYS A 151 -20.88 -7.94 13.52
N CYS A 151 -20.99 -7.95 13.51
CA CYS A 151 -20.66 -7.18 12.33
CA CYS A 151 -20.83 -7.10 12.33
C CYS A 151 -20.21 -5.77 12.69
C CYS A 151 -20.19 -5.78 12.71
N GLN A 152 -19.68 -5.08 11.69
CA GLN A 152 -19.12 -3.74 11.83
C GLN A 152 -19.61 -2.87 10.67
N LEU A 153 -18.91 -1.77 10.37
CA LEU A 153 -19.27 -0.89 9.27
C LEU A 153 -18.11 -0.75 8.28
N GLU A 154 -17.36 -1.83 8.05
CA GLU A 154 -16.28 -1.83 7.05
C GLU A 154 -16.66 -2.58 5.77
N ILE A 155 -17.88 -3.07 5.70
CA ILE A 155 -18.53 -3.52 4.48
C ILE A 155 -19.63 -2.50 4.14
N THR A 156 -20.40 -2.78 3.09
CA THR A 156 -21.51 -1.88 2.77
C THR A 156 -22.47 -1.87 3.95
N PRO A 157 -22.91 -0.70 4.49
CA PRO A 157 -23.89 -0.68 5.58
C PRO A 157 -25.13 -1.52 5.33
N ALA A 158 -25.69 -1.44 4.11
CA ALA A 158 -26.85 -2.25 3.78
C ALA A 158 -26.57 -3.74 3.99
N THR A 159 -25.36 -4.22 3.67
CA THR A 159 -25.05 -5.63 3.88
C THR A 159 -24.97 -5.97 5.38
N SER A 160 -24.36 -5.11 6.22
CA SER A 160 -24.38 -5.32 7.65
C SER A 160 -25.82 -5.34 8.17
N LEU A 161 -26.68 -4.44 7.68
CA LEU A 161 -28.06 -4.40 8.12
C LEU A 161 -28.78 -5.69 7.74
N GLU A 162 -28.52 -6.21 6.54
CA GLU A 162 -29.09 -7.46 6.07
C GLU A 162 -28.67 -8.62 6.99
N ALA A 163 -27.39 -8.66 7.35
CA ALA A 163 -26.88 -9.68 8.25
C ALA A 163 -27.50 -9.59 9.64
N LEU A 164 -27.69 -8.39 10.17
CA LEU A 164 -28.39 -8.20 11.44
C LEU A 164 -29.82 -8.69 11.35
N THR A 165 -30.49 -8.39 10.23
CA THR A 165 -31.88 -8.75 10.01
C THR A 165 -32.00 -10.28 10.02
N MET A 166 -31.12 -10.94 9.27
CA MET A 166 -31.16 -12.40 9.18
C MET A 166 -30.93 -13.02 10.56
N ALA A 167 -29.93 -12.49 11.29
CA ALA A 167 -29.66 -13.03 12.61
C ALA A 167 -30.85 -12.83 13.54
N ARG A 168 -31.45 -11.65 13.52
CA ARG A 168 -32.59 -11.35 14.38
C ARG A 168 -33.76 -12.30 14.08
N ARG A 169 -34.03 -12.54 12.80
CA ARG A 169 -35.14 -13.39 12.40
C ARG A 169 -34.94 -14.81 12.91
N SER A 170 -33.69 -15.25 13.10
CA SER A 170 -33.45 -16.60 13.60
C SER A 170 -33.18 -16.66 15.10
N GLY A 171 -33.30 -15.53 15.80
CA GLY A 171 -33.09 -15.51 17.24
C GLY A 171 -31.62 -15.61 17.61
N VAL A 172 -30.72 -15.23 16.70
CA VAL A 172 -29.27 -15.26 16.95
C VAL A 172 -28.90 -13.94 17.63
N LYS A 173 -28.08 -13.97 18.69
CA LYS A 173 -27.63 -12.75 19.34
C LYS A 173 -26.79 -11.90 18.40
N THR A 174 -27.14 -10.62 18.27
CA THR A 174 -26.41 -9.70 17.43
C THR A 174 -25.46 -8.82 18.24
N LEU A 175 -24.20 -8.78 17.82
N LEU A 175 -24.20 -8.79 17.82
CA LEU A 175 -23.17 -7.91 18.38
CA LEU A 175 -23.17 -7.92 18.36
C LEU A 175 -22.71 -6.97 17.28
C LEU A 175 -22.74 -6.98 17.24
N PHE A 176 -23.11 -5.71 17.38
CA PHE A 176 -22.87 -4.74 16.35
C PHE A 176 -21.86 -3.71 16.87
N ASN A 177 -20.78 -3.52 16.08
CA ASN A 177 -19.71 -2.58 16.36
C ASN A 177 -19.74 -1.52 15.27
N PRO A 178 -20.36 -0.33 15.49
CA PRO A 178 -20.56 0.68 14.43
C PRO A 178 -19.25 1.42 14.17
N ALA A 179 -18.35 0.70 13.51
CA ALA A 179 -16.97 1.18 13.37
C ALA A 179 -16.49 0.95 11.95
N PRO A 180 -15.97 1.99 11.26
CA PRO A 180 -16.04 3.39 11.67
C PRO A 180 -17.47 3.93 11.69
N ALA A 181 -17.75 4.91 12.54
CA ALA A 181 -19.10 5.40 12.73
C ALA A 181 -19.50 6.33 11.61
N ILE A 182 -20.82 6.36 11.38
CA ILE A 182 -21.52 7.19 10.41
C ILE A 182 -22.53 8.00 11.19
N ALA A 183 -22.64 9.30 10.93
CA ALA A 183 -23.50 10.13 11.74
C ALA A 183 -24.97 9.82 11.50
N ASP A 184 -25.36 9.45 10.28
CA ASP A 184 -26.79 9.27 10.04
C ASP A 184 -27.14 7.80 9.85
N LEU A 185 -26.70 6.97 10.78
CA LEU A 185 -26.90 5.54 10.71
C LEU A 185 -28.41 5.21 10.70
N ASP A 186 -28.83 4.25 9.86
CA ASP A 186 -30.23 3.88 9.77
C ASP A 186 -30.74 3.51 11.18
N PRO A 187 -31.91 4.01 11.61
CA PRO A 187 -32.47 3.60 12.91
C PRO A 187 -32.55 2.11 13.18
N GLN A 188 -32.72 1.28 12.14
CA GLN A 188 -32.85 -0.15 12.32
C GLN A 188 -31.55 -0.76 12.88
N PHE A 189 -30.40 -0.10 12.69
CA PHE A 189 -29.20 -0.67 13.28
C PHE A 189 -29.36 -0.80 14.79
N TYR A 190 -29.94 0.20 15.43
CA TYR A 190 -30.09 0.18 16.87
C TYR A 190 -31.12 -0.89 17.31
N THR A 191 -32.27 -0.97 16.61
CA THR A 191 -33.34 -1.86 17.01
C THR A 191 -32.98 -3.32 16.73
N LEU A 192 -32.00 -3.57 15.82
CA LEU A 192 -31.58 -4.94 15.53
C LEU A 192 -30.35 -5.38 16.32
N SER A 193 -29.83 -4.49 17.20
CA SER A 193 -28.61 -4.74 17.97
C SER A 193 -28.94 -5.24 19.37
N ASP A 194 -28.59 -6.48 19.65
CA ASP A 194 -28.68 -6.99 21.01
C ASP A 194 -27.63 -6.33 21.89
N VAL A 195 -26.41 -6.29 21.36
CA VAL A 195 -25.28 -5.66 22.03
C VAL A 195 -24.64 -4.69 21.04
N PHE A 196 -24.60 -3.43 21.41
CA PHE A 196 -24.08 -2.35 20.57
C PHE A 196 -22.82 -1.83 21.24
N CYS A 197 -21.65 -2.01 20.60
CA CYS A 197 -20.37 -1.75 21.29
C CYS A 197 -19.50 -0.84 20.42
N CYS A 198 -19.08 0.28 20.98
CA CYS A 198 -18.30 1.27 20.23
C CYS A 198 -17.31 1.95 21.15
N ASN A 199 -16.38 2.68 20.57
CA ASN A 199 -15.40 3.44 21.33
C ASN A 199 -15.84 4.89 21.53
N GLU A 200 -15.00 5.70 22.19
CA GLU A 200 -15.35 7.07 22.51
C GLU A 200 -15.59 7.90 21.25
N SER A 201 -14.70 7.78 20.27
N SER A 201 -14.70 7.76 20.27
CA SER A 201 -14.78 8.61 19.08
CA SER A 201 -14.77 8.59 19.07
C SER A 201 -16.02 8.25 18.26
C SER A 201 -16.02 8.25 18.26
N GLU A 202 -16.36 6.96 18.20
CA GLU A 202 -17.58 6.53 17.53
C GLU A 202 -18.81 7.06 18.28
N ALA A 203 -18.80 6.99 19.59
CA ALA A 203 -19.92 7.50 20.37
C ALA A 203 -20.12 9.00 20.11
N GLU A 204 -19.04 9.77 19.99
CA GLU A 204 -19.17 11.19 19.70
C GLU A 204 -19.86 11.42 18.35
N ILE A 205 -19.45 10.66 17.34
CA ILE A 205 -20.07 10.80 16.02
C ILE A 205 -21.56 10.45 16.08
N LEU A 206 -21.90 9.40 16.80
CA LEU A 206 -23.27 8.91 16.81
C LEU A 206 -24.19 9.80 17.64
N THR A 207 -23.67 10.46 18.68
CA THR A 207 -24.52 11.16 19.63
C THR A 207 -24.37 12.67 19.57
N GLY A 208 -23.26 13.16 18.98
CA GLY A 208 -22.97 14.58 18.99
C GLY A 208 -22.66 15.13 20.38
N LEU A 209 -22.18 14.26 21.29
CA LEU A 209 -21.71 14.63 22.61
C LEU A 209 -20.19 14.51 22.63
N THR A 210 -19.52 15.19 23.57
CA THR A 210 -18.15 14.88 23.91
C THR A 210 -18.11 13.59 24.73
N VAL A 211 -17.20 12.70 24.36
CA VAL A 211 -16.97 11.48 25.13
C VAL A 211 -15.48 11.35 25.40
N GLY A 212 -15.05 11.76 26.60
CA GLY A 212 -13.66 11.64 27.03
C GLY A 212 -13.47 10.76 28.27
N SER A 213 -14.51 10.73 29.10
CA SER A 213 -14.50 10.17 30.43
C SER A 213 -15.61 9.13 30.56
N ALA A 214 -15.55 8.35 31.64
CA ALA A 214 -16.60 7.39 31.95
C ALA A 214 -17.96 8.07 32.10
N ALA A 215 -17.99 9.24 32.74
CA ALA A 215 -19.23 9.97 32.95
C ALA A 215 -19.82 10.33 31.59
N ASP A 216 -18.97 10.85 30.68
CA ASP A 216 -19.40 11.20 29.36
C ASP A 216 -19.98 9.98 28.65
N ALA A 217 -19.28 8.85 28.78
CA ALA A 217 -19.71 7.64 28.12
C ALA A 217 -21.08 7.20 28.63
N GLY A 218 -21.35 7.37 29.93
CA GLY A 218 -22.64 7.00 30.47
C GLY A 218 -23.77 7.80 29.84
N GLU A 219 -23.52 9.10 29.63
CA GLU A 219 -24.54 9.97 29.02
C GLU A 219 -24.77 9.57 27.57
N ALA A 220 -23.68 9.32 26.84
CA ALA A 220 -23.82 8.92 25.44
C ALA A 220 -24.52 7.57 25.35
N ALA A 221 -24.19 6.63 26.24
CA ALA A 221 -24.76 5.31 26.17
C ALA A 221 -26.28 5.37 26.34
N LEU A 222 -26.76 6.30 27.18
CA LEU A 222 -28.21 6.38 27.38
C LEU A 222 -28.94 6.86 26.12
N VAL A 223 -28.33 7.79 25.40
CA VAL A 223 -28.86 8.21 24.11
C VAL A 223 -28.99 7.02 23.17
N LEU A 224 -27.93 6.21 23.08
CA LEU A 224 -27.95 5.05 22.20
C LEU A 224 -28.98 4.01 22.65
N LEU A 225 -29.10 3.81 23.97
CA LEU A 225 -30.02 2.80 24.48
C LEU A 225 -31.45 3.15 24.09
N LYS A 226 -31.79 4.45 24.18
CA LYS A 226 -33.11 4.91 23.88
C LYS A 226 -33.47 4.77 22.40
N ARG A 227 -32.48 4.61 21.53
CA ARG A 227 -32.70 4.36 20.12
C ARG A 227 -33.08 2.92 19.83
N GLY A 228 -33.01 2.04 20.84
CA GLY A 228 -33.58 0.69 20.72
C GLY A 228 -32.61 -0.46 20.97
N CYS A 229 -31.34 -0.18 21.34
CA CYS A 229 -30.37 -1.24 21.58
C CYS A 229 -30.75 -1.99 22.86
N GLN A 230 -30.46 -3.30 22.97
CA GLN A 230 -30.76 -3.99 24.23
C GLN A 230 -29.70 -3.65 25.28
N VAL A 231 -28.45 -3.57 24.83
CA VAL A 231 -27.27 -3.35 25.65
C VAL A 231 -26.37 -2.39 24.88
N VAL A 232 -25.79 -1.42 25.59
CA VAL A 232 -24.79 -0.52 25.00
C VAL A 232 -23.51 -0.59 25.80
N ILE A 233 -22.39 -0.78 25.12
CA ILE A 233 -21.07 -0.76 25.73
C ILE A 233 -20.21 0.31 25.03
N ILE A 234 -19.59 1.19 25.79
CA ILE A 234 -18.66 2.15 25.24
C ILE A 234 -17.30 1.86 25.86
N THR A 235 -16.31 1.59 24.99
CA THR A 235 -14.96 1.30 25.46
C THR A 235 -14.18 2.59 25.63
N LEU A 236 -13.29 2.59 26.63
CA LEU A 236 -12.58 3.78 27.10
C LEU A 236 -11.07 3.57 27.12
N GLY A 237 -10.54 2.74 26.23
CA GLY A 237 -9.10 2.55 26.22
C GLY A 237 -8.63 2.02 27.59
N ALA A 238 -7.65 2.71 28.19
CA ALA A 238 -7.05 2.26 29.43
C ALA A 238 -8.01 2.39 30.62
N GLU A 239 -9.16 3.05 30.43
CA GLU A 239 -10.10 3.24 31.53
C GLU A 239 -11.18 2.15 31.53
N GLY A 240 -11.05 1.13 30.66
CA GLY A 240 -11.98 0.01 30.68
C GLY A 240 -13.17 0.27 29.75
N CYS A 241 -14.37 0.16 30.32
CA CYS A 241 -15.60 0.36 29.54
C CYS A 241 -16.76 0.74 30.45
N VAL A 242 -17.83 1.19 29.81
CA VAL A 242 -19.08 1.51 30.48
C VAL A 242 -20.19 0.71 29.80
N VAL A 243 -21.10 0.12 30.60
CA VAL A 243 -22.21 -0.64 30.04
C VAL A 243 -23.55 -0.22 30.67
N LEU A 244 -24.58 -0.25 29.84
CA LEU A 244 -25.95 -0.25 30.36
C LEU A 244 -26.86 -1.08 29.48
N SER A 245 -28.05 -1.39 30.01
CA SER A 245 -28.95 -2.26 29.28
C SER A 245 -30.40 -1.86 29.56
N GLN A 246 -31.34 -2.36 28.75
CA GLN A 246 -32.77 -2.10 28.97
C GLN A 246 -33.16 -2.55 30.37
N THR A 247 -32.59 -3.69 30.82
CA THR A 247 -32.94 -4.28 32.10
C THR A 247 -32.30 -3.51 33.25
N GLU A 248 -31.08 -2.98 33.02
CA GLU A 248 -30.30 -2.26 34.01
C GLU A 248 -29.73 -0.98 33.39
N PRO A 249 -30.56 0.07 33.24
CA PRO A 249 -30.18 1.27 32.49
C PRO A 249 -29.19 2.21 33.18
N GLU A 250 -28.85 1.95 34.43
CA GLU A 250 -27.88 2.79 35.11
C GLU A 250 -26.49 2.41 34.63
N PRO A 251 -25.67 3.36 34.11
CA PRO A 251 -24.34 3.00 33.62
C PRO A 251 -23.47 2.41 34.74
N LYS A 252 -22.75 1.35 34.36
CA LYS A 252 -21.76 0.72 35.22
C LYS A 252 -20.41 0.89 34.53
N HIS A 253 -19.43 1.47 35.23
CA HIS A 253 -18.07 1.55 34.75
C HIS A 253 -17.31 0.30 35.20
N ILE A 254 -16.77 -0.43 34.22
N ILE A 254 -16.76 -0.42 34.21
CA ILE A 254 -15.93 -1.60 34.48
CA ILE A 254 -15.93 -1.60 34.44
C ILE A 254 -14.48 -1.23 34.19
C ILE A 254 -14.47 -1.21 34.19
N PRO A 255 -13.66 -0.93 35.24
CA PRO A 255 -12.28 -0.51 35.03
C PRO A 255 -11.41 -1.70 34.69
N THR A 256 -10.20 -1.40 34.23
CA THR A 256 -9.23 -2.44 33.90
C THR A 256 -7.94 -2.14 34.66
N GLU A 257 -7.25 -3.19 35.12
CA GLU A 257 -6.01 -3.02 35.86
C GLU A 257 -4.94 -2.46 34.92
N LYS A 258 -4.10 -1.57 35.47
CA LYS A 258 -3.11 -0.85 34.68
C LYS A 258 -2.03 -1.83 34.23
N VAL A 259 -1.62 -1.72 32.96
CA VAL A 259 -0.53 -2.49 32.38
C VAL A 259 0.40 -1.55 31.64
N LYS A 260 1.59 -2.03 31.29
CA LYS A 260 2.53 -1.26 30.49
C LYS A 260 2.24 -1.54 29.01
N ALA A 261 1.63 -0.57 28.32
CA ALA A 261 1.25 -0.77 26.93
C ALA A 261 2.46 -0.63 26.03
N VAL A 262 2.63 -1.61 25.15
CA VAL A 262 3.68 -1.60 24.14
C VAL A 262 3.09 -1.07 22.83
N ASP A 263 1.88 -1.52 22.49
CA ASP A 263 1.29 -1.19 21.19
C ASP A 263 -0.22 -1.42 21.29
N THR A 264 -1.00 -0.34 21.26
CA THR A 264 -2.42 -0.45 21.50
C THR A 264 -3.18 -0.74 20.22
N THR A 265 -2.48 -0.93 19.09
CA THR A 265 -3.14 -1.21 17.82
C THR A 265 -3.93 -2.50 17.98
N GLY A 266 -5.19 -2.48 17.54
CA GLY A 266 -6.00 -3.67 17.53
C GLY A 266 -6.66 -4.02 18.86
N ALA A 267 -6.52 -3.19 19.89
CA ALA A 267 -7.07 -3.54 21.19
C ALA A 267 -8.59 -3.59 21.18
N GLY A 268 -9.25 -2.65 20.48
CA GLY A 268 -10.68 -2.64 20.38
C GLY A 268 -11.23 -3.91 19.76
N ASP A 269 -10.55 -4.41 18.71
CA ASP A 269 -11.01 -5.60 18.05
C ASP A 269 -10.78 -6.82 18.94
N SER A 270 -9.70 -6.83 19.72
CA SER A 270 -9.48 -7.87 20.71
C SER A 270 -10.64 -7.92 21.71
N PHE A 271 -11.04 -6.74 22.20
CA PHE A 271 -12.13 -6.61 23.15
C PHE A 271 -13.41 -7.18 22.56
N VAL A 272 -13.75 -6.79 21.34
CA VAL A 272 -15.00 -7.22 20.75
C VAL A 272 -14.96 -8.73 20.48
N GLY A 273 -13.83 -9.28 19.99
CA GLY A 273 -13.73 -10.71 19.74
C GLY A 273 -13.85 -11.51 21.03
N ALA A 274 -13.28 -11.00 22.12
CA ALA A 274 -13.43 -11.64 23.40
C ALA A 274 -14.89 -11.61 23.86
N LEU A 275 -15.55 -10.46 23.70
CA LEU A 275 -16.95 -10.38 24.09
C LEU A 275 -17.80 -11.36 23.30
N ALA A 276 -17.56 -11.49 21.99
CA ALA A 276 -18.28 -12.43 21.17
C ALA A 276 -18.11 -13.85 21.71
N PHE A 277 -16.88 -14.19 22.06
CA PHE A 277 -16.60 -15.50 22.64
C PHE A 277 -17.43 -15.75 23.89
N TYR A 278 -17.49 -14.75 24.78
CA TYR A 278 -18.24 -14.93 26.03
C TYR A 278 -19.76 -15.00 25.80
N LEU A 279 -20.28 -14.18 24.89
CA LEU A 279 -21.70 -14.23 24.59
C LEU A 279 -22.09 -15.62 24.06
N ALA A 280 -21.20 -16.25 23.28
CA ALA A 280 -21.52 -17.50 22.61
C ALA A 280 -21.33 -18.69 23.53
N TYR A 281 -20.28 -18.67 24.35
CA TYR A 281 -19.90 -19.88 25.08
C TYR A 281 -20.28 -19.78 26.55
N TYR A 282 -20.54 -18.57 27.06
CA TYR A 282 -20.89 -18.39 28.47
C TYR A 282 -22.11 -17.49 28.59
N PRO A 283 -23.25 -17.81 27.91
CA PRO A 283 -24.39 -16.89 27.85
C PRO A 283 -25.05 -16.63 29.20
N ASN A 284 -24.79 -17.54 30.13
CA ASN A 284 -25.32 -17.48 31.48
C ASN A 284 -24.71 -16.31 32.27
N LEU A 285 -23.51 -15.84 31.88
CA LEU A 285 -22.78 -14.85 32.66
C LEU A 285 -23.43 -13.47 32.55
N SER A 286 -23.25 -12.69 33.62
CA SER A 286 -23.68 -11.31 33.61
C SER A 286 -22.79 -10.49 32.68
N LEU A 287 -23.36 -9.39 32.20
CA LEU A 287 -22.59 -8.47 31.38
C LEU A 287 -21.31 -8.03 32.09
N GLU A 288 -21.41 -7.67 33.38
CA GLU A 288 -20.24 -7.20 34.13
C GLU A 288 -19.11 -8.23 34.13
N ASP A 289 -19.46 -9.51 34.32
CA ASP A 289 -18.49 -10.58 34.30
C ASP A 289 -17.81 -10.67 32.92
N MET A 290 -18.63 -10.70 31.85
CA MET A 290 -18.11 -10.81 30.50
C MET A 290 -17.12 -9.67 30.23
N LEU A 291 -17.47 -8.46 30.66
CA LEU A 291 -16.71 -7.27 30.33
C LEU A 291 -15.43 -7.17 31.12
N ASN A 292 -15.46 -7.66 32.36
CA ASN A 292 -14.21 -7.74 33.09
C ASN A 292 -13.20 -8.65 32.38
N ARG A 293 -13.69 -9.80 31.91
N ARG A 293 -13.67 -9.80 31.90
CA ARG A 293 -12.82 -10.76 31.24
CA ARG A 293 -12.80 -10.74 31.23
C ARG A 293 -12.31 -10.19 29.90
C ARG A 293 -12.30 -10.19 29.90
N SER A 294 -13.22 -9.55 29.16
CA SER A 294 -12.88 -9.01 27.86
C SER A 294 -11.88 -7.85 27.98
N ASN A 295 -12.08 -7.00 28.98
CA ASN A 295 -11.12 -5.96 29.28
C ASN A 295 -9.72 -6.56 29.51
N PHE A 296 -9.66 -7.65 30.26
CA PHE A 296 -8.38 -8.24 30.60
C PHE A 296 -7.66 -8.77 29.35
N ILE A 297 -8.41 -9.47 28.49
CA ILE A 297 -7.85 -10.01 27.26
C ILE A 297 -7.34 -8.89 26.35
N ALA A 298 -8.10 -7.81 26.18
CA ALA A 298 -7.65 -6.71 25.35
C ALA A 298 -6.39 -6.06 25.94
N ALA A 299 -6.31 -5.99 27.28
CA ALA A 299 -5.14 -5.44 27.93
C ALA A 299 -3.91 -6.35 27.75
N VAL A 300 -4.10 -7.66 27.59
CA VAL A 300 -2.99 -8.52 27.19
C VAL A 300 -2.48 -8.10 25.80
N SER A 301 -3.40 -7.88 24.86
CA SER A 301 -3.01 -7.57 23.50
C SER A 301 -2.16 -6.29 23.45
N VAL A 302 -2.42 -5.29 24.31
CA VAL A 302 -1.67 -4.04 24.24
C VAL A 302 -0.24 -4.22 24.74
N GLN A 303 0.07 -5.35 25.38
CA GLN A 303 1.41 -5.60 25.89
C GLN A 303 2.32 -6.27 24.86
N ALA A 304 1.86 -6.41 23.60
CA ALA A 304 2.67 -7.01 22.54
C ALA A 304 2.54 -6.22 21.24
N ALA A 305 3.58 -6.31 20.41
CA ALA A 305 3.63 -5.55 19.16
C ALA A 305 2.69 -6.18 18.13
N GLY A 306 2.15 -5.32 17.28
CA GLY A 306 1.36 -5.77 16.16
C GLY A 306 -0.12 -5.85 16.49
N THR A 307 -0.89 -6.27 15.49
CA THR A 307 -2.33 -6.36 15.61
C THR A 307 -2.70 -7.81 15.90
N GLN A 308 -2.95 -8.62 14.86
CA GLN A 308 -3.35 -10.01 15.12
C GLN A 308 -2.26 -10.78 15.86
N SER A 309 -1.00 -10.47 15.63
CA SER A 309 0.01 -11.28 16.30
C SER A 309 0.01 -11.07 17.82
N SER A 310 -0.56 -9.96 18.30
CA SER A 310 -0.60 -9.64 19.72
C SER A 310 -1.78 -10.32 20.43
N TYR A 311 -2.71 -10.91 19.71
CA TYR A 311 -3.91 -11.45 20.31
C TYR A 311 -3.57 -12.76 21.02
N PRO A 312 -3.85 -12.87 22.33
CA PRO A 312 -3.49 -14.08 23.08
C PRO A 312 -4.35 -15.30 22.79
N TYR A 313 -3.74 -16.46 22.94
CA TYR A 313 -4.41 -17.75 22.91
C TYR A 313 -4.88 -18.16 24.30
N LYS A 314 -5.95 -18.96 24.32
CA LYS A 314 -6.48 -19.54 25.54
C LYS A 314 -5.38 -20.16 26.41
N LYS A 315 -4.45 -20.91 25.81
CA LYS A 315 -3.50 -21.70 26.58
C LYS A 315 -2.52 -20.79 27.33
N ASP A 316 -2.39 -19.53 26.87
CA ASP A 316 -1.45 -18.58 27.47
C ASP A 316 -2.15 -17.61 28.43
N LEU A 317 -3.44 -17.84 28.73
CA LEU A 317 -4.23 -16.94 29.57
C LEU A 317 -4.57 -17.60 30.89
N PRO A 318 -4.88 -16.81 31.94
CA PRO A 318 -5.31 -17.39 33.22
C PRO A 318 -6.57 -18.27 33.14
N LEU A 319 -6.63 -19.36 33.90
CA LEU A 319 -7.76 -20.28 33.89
C LEU A 319 -9.04 -19.59 34.35
N THR A 320 -8.92 -18.56 35.20
CA THR A 320 -10.10 -17.93 35.77
C THR A 320 -10.99 -17.31 34.71
N LEU A 321 -10.42 -17.03 33.52
CA LEU A 321 -11.14 -16.42 32.42
C LEU A 321 -12.13 -17.40 31.80
N PHE A 322 -12.00 -18.71 32.11
CA PHE A 322 -12.80 -19.74 31.46
C PHE A 322 -13.72 -20.50 32.44
N LEU A 323 -14.08 -19.95 33.62
CA LEU A 323 -15.01 -20.58 34.55
C LEU A 323 -16.47 -20.29 34.15
N GLU A 324 -17.36 -21.29 34.31
CA GLU A 324 -18.73 -21.21 33.80
C GLU A 324 -19.56 -20.27 34.68
N HIS A 325 -19.11 -20.11 35.92
CA HIS A 325 -19.88 -19.43 36.94
C HIS A 325 -19.21 -18.08 37.22
N HIS A 326 -19.97 -17.15 37.81
CA HIS A 326 -19.44 -15.86 38.25
C HIS A 326 -18.21 -16.08 39.13
N HIS A 327 -17.19 -15.23 38.97
CA HIS A 327 -15.97 -15.24 39.76
C HIS A 327 -15.81 -13.82 40.31
N HIS A 328 -15.22 -13.71 41.50
CA HIS A 328 -14.94 -12.45 42.16
C HIS A 328 -13.80 -11.72 41.43
N GLU B 14 20.36 -14.23 -28.69
CA GLU B 14 19.85 -12.84 -28.68
C GLU B 14 20.72 -11.96 -27.78
N VAL B 15 21.73 -11.29 -28.34
CA VAL B 15 22.62 -10.43 -27.57
C VAL B 15 21.86 -9.17 -27.19
N ALA B 16 21.84 -8.82 -25.90
CA ALA B 16 21.17 -7.60 -25.46
C ALA B 16 22.00 -6.39 -25.85
N ALA B 17 21.35 -5.42 -26.49
CA ALA B 17 22.01 -4.16 -26.86
C ALA B 17 21.83 -3.12 -25.76
N VAL B 18 20.79 -3.26 -24.94
CA VAL B 18 20.52 -2.32 -23.88
C VAL B 18 20.54 -3.10 -22.57
N VAL B 19 21.39 -2.68 -21.64
CA VAL B 19 21.47 -3.25 -20.32
C VAL B 19 21.09 -2.16 -19.34
N VAL B 20 20.11 -2.47 -18.47
CA VAL B 20 19.69 -1.51 -17.44
C VAL B 20 20.10 -2.10 -16.10
N VAL B 21 20.89 -1.33 -15.33
CA VAL B 21 21.26 -1.73 -13.99
C VAL B 21 20.54 -0.75 -13.09
N GLY B 22 19.52 -1.22 -12.38
CA GLY B 22 18.67 -0.27 -11.69
C GLY B 22 17.52 -0.94 -10.96
N SER B 23 16.46 -0.16 -10.74
CA SER B 23 15.43 -0.50 -9.78
C SER B 23 14.18 -1.14 -10.39
N CYS B 24 13.58 -2.06 -9.60
CA CYS B 24 12.22 -2.54 -9.82
C CYS B 24 11.46 -2.28 -8.53
N MET B 25 10.30 -1.66 -8.63
CA MET B 25 9.54 -1.31 -7.44
C MET B 25 8.05 -1.62 -7.71
N THR B 26 7.35 -2.10 -6.69
CA THR B 26 5.91 -2.29 -6.76
C THR B 26 5.23 -1.00 -6.34
N ASP B 27 4.38 -0.46 -7.22
CA ASP B 27 3.63 0.76 -6.91
C ASP B 27 2.31 0.35 -6.25
N LEU B 28 2.07 0.87 -5.03
CA LEU B 28 0.87 0.56 -4.27
C LEU B 28 0.09 1.86 -4.16
N VAL B 29 -0.93 2.00 -5.00
CA VAL B 29 -1.54 3.31 -5.22
C VAL B 29 -2.94 3.36 -4.62
N SER B 30 -3.16 4.30 -3.69
CA SER B 30 -4.48 4.56 -3.13
C SER B 30 -4.99 5.91 -3.62
N LEU B 31 -6.20 5.92 -4.20
CA LEU B 31 -6.85 7.11 -4.70
C LEU B 31 -7.89 7.55 -3.68
N THR B 32 -7.82 8.84 -3.29
N THR B 32 -7.86 8.86 -3.37
CA THR B 32 -8.66 9.38 -2.22
CA THR B 32 -8.66 9.43 -2.30
C THR B 32 -9.15 10.77 -2.64
C THR B 32 -9.29 10.72 -2.81
N SER B 33 -10.22 11.24 -2.02
CA SER B 33 -10.70 12.61 -2.26
C SER B 33 -9.92 13.60 -1.39
N ARG B 34 -9.36 13.16 -0.27
CA ARG B 34 -8.52 14.03 0.55
C ARG B 34 -7.30 13.28 1.08
N LEU B 35 -6.21 14.03 1.33
CA LEU B 35 -4.98 13.44 1.83
C LEU B 35 -5.00 13.48 3.35
N PRO B 36 -4.49 12.44 4.03
CA PRO B 36 -4.53 12.39 5.49
C PRO B 36 -3.50 13.26 6.16
N LYS B 37 -3.87 13.79 7.34
CA LYS B 37 -2.94 14.47 8.21
C LYS B 37 -2.49 13.52 9.34
N THR B 38 -1.50 13.92 10.14
CA THR B 38 -0.94 13.07 11.19
C THR B 38 -2.07 12.55 12.08
N GLY B 39 -2.04 11.23 12.34
CA GLY B 39 -2.96 10.59 13.26
C GLY B 39 -4.28 10.21 12.60
N GLU B 40 -4.49 10.64 11.34
CA GLU B 40 -5.77 10.45 10.68
C GLU B 40 -5.78 9.13 9.90
N THR B 41 -6.96 8.49 9.95
CA THR B 41 -7.38 7.47 9.00
C THR B 41 -8.42 8.09 8.07
N ILE B 42 -8.15 7.94 6.77
CA ILE B 42 -9.11 8.34 5.77
C ILE B 42 -9.43 7.15 4.88
N HIS B 43 -10.59 7.23 4.24
CA HIS B 43 -11.08 6.19 3.35
C HIS B 43 -11.00 6.68 1.92
N GLY B 44 -10.33 5.91 1.07
CA GLY B 44 -10.23 6.21 -0.35
C GLY B 44 -11.19 5.35 -1.16
N HIS B 45 -11.17 5.52 -2.47
CA HIS B 45 -12.18 4.90 -3.33
C HIS B 45 -11.60 3.85 -4.28
N LYS B 46 -10.28 3.77 -4.40
CA LYS B 46 -9.69 2.78 -5.31
C LYS B 46 -8.24 2.53 -4.95
N PHE B 47 -7.83 1.26 -5.02
CA PHE B 47 -6.46 0.86 -4.79
C PHE B 47 -6.01 0.05 -6.02
N PHE B 48 -4.77 0.26 -6.46
CA PHE B 48 -4.25 -0.68 -7.46
C PHE B 48 -2.75 -0.85 -7.29
N ILE B 49 -2.29 -1.98 -7.84
CA ILE B 49 -0.89 -2.34 -7.84
C ILE B 49 -0.38 -2.10 -9.26
N GLY B 50 0.79 -1.48 -9.35
CA GLY B 50 1.42 -1.30 -10.64
C GLY B 50 2.88 -1.73 -10.59
N PHE B 51 3.43 -2.09 -11.74
CA PHE B 51 4.86 -2.28 -11.84
C PHE B 51 5.58 -0.97 -12.15
N GLY B 52 6.55 -0.64 -11.31
CA GLY B 52 7.30 0.59 -11.46
C GLY B 52 8.79 0.39 -11.17
N GLY B 53 9.40 1.48 -10.68
CA GLY B 53 10.85 1.53 -10.60
C GLY B 53 11.40 2.18 -11.87
N LYS B 54 12.26 3.18 -11.70
CA LYS B 54 12.75 3.90 -12.88
C LYS B 54 13.52 2.99 -13.82
N GLY B 55 14.34 2.09 -13.25
CA GLY B 55 15.10 1.19 -14.10
C GLY B 55 14.21 0.31 -14.97
N ALA B 56 13.29 -0.40 -14.31
CA ALA B 56 12.39 -1.27 -15.03
C ALA B 56 11.51 -0.48 -16.00
N ASN B 57 11.04 0.71 -15.59
CA ASN B 57 10.22 1.51 -16.50
C ASN B 57 10.99 1.77 -17.80
N GLN B 58 12.22 2.23 -17.63
CA GLN B 58 13.07 2.57 -18.79
C GLN B 58 13.30 1.33 -19.68
N CYS B 59 13.59 0.21 -19.04
CA CYS B 59 13.84 -1.04 -19.73
C CYS B 59 12.62 -1.46 -20.54
N VAL B 60 11.42 -1.34 -19.91
CA VAL B 60 10.19 -1.72 -20.57
C VAL B 60 9.93 -0.85 -21.82
N GLN B 61 10.11 0.47 -21.71
CA GLN B 61 9.90 1.30 -22.89
C GLN B 61 10.85 0.89 -24.01
N ALA B 62 12.13 0.67 -23.67
CA ALA B 62 13.07 0.29 -24.71
C ALA B 62 12.68 -1.03 -25.38
N ALA B 63 12.29 -2.03 -24.56
CA ALA B 63 11.91 -3.34 -25.07
C ALA B 63 10.69 -3.22 -26.00
N ARG B 64 9.72 -2.38 -25.61
CA ARG B 64 8.51 -2.27 -26.42
C ARG B 64 8.77 -1.65 -27.78
N LEU B 65 9.83 -0.83 -27.87
CA LEU B 65 10.25 -0.28 -29.15
C LEU B 65 10.98 -1.30 -30.03
N GLY B 66 11.35 -2.44 -29.45
CA GLY B 66 12.04 -3.47 -30.21
C GLY B 66 13.44 -3.81 -29.70
N ALA B 67 13.95 -3.13 -28.67
CA ALA B 67 15.28 -3.42 -28.16
C ALA B 67 15.35 -4.79 -27.54
N MET B 68 16.50 -5.46 -27.74
N MET B 68 16.51 -5.45 -27.72
CA MET B 68 16.87 -6.60 -26.93
CA MET B 68 16.87 -6.61 -26.91
C MET B 68 17.52 -6.07 -25.66
C MET B 68 17.55 -6.08 -25.65
N THR B 69 16.89 -6.30 -24.51
CA THR B 69 17.28 -5.70 -23.24
C THR B 69 17.55 -6.77 -22.19
N SER B 70 18.32 -6.37 -21.18
CA SER B 70 18.59 -7.21 -20.02
C SER B 70 18.50 -6.33 -18.76
N MET B 71 17.70 -6.75 -17.77
CA MET B 71 17.50 -5.98 -16.56
C MET B 71 18.31 -6.58 -15.44
N VAL B 72 19.31 -5.82 -14.94
CA VAL B 72 20.12 -6.26 -13.82
C VAL B 72 19.55 -5.58 -12.59
N CYS B 73 18.99 -6.39 -11.68
CA CYS B 73 18.23 -5.83 -10.57
C CYS B 73 18.07 -6.91 -9.51
N LYS B 74 17.55 -6.49 -8.35
CA LYS B 74 17.27 -7.44 -7.28
C LYS B 74 15.90 -7.11 -6.70
N VAL B 75 15.10 -8.17 -6.54
CA VAL B 75 13.77 -8.12 -5.94
C VAL B 75 13.74 -9.10 -4.78
N GLY B 76 12.64 -9.07 -4.05
CA GLY B 76 12.49 -9.98 -2.93
C GLY B 76 12.09 -11.39 -3.37
N LYS B 77 12.32 -12.33 -2.46
CA LYS B 77 11.75 -13.68 -2.52
C LYS B 77 10.35 -13.62 -1.91
N ASP B 78 9.47 -12.95 -2.63
CA ASP B 78 8.11 -12.68 -2.16
C ASP B 78 7.20 -12.62 -3.39
N SER B 79 5.90 -12.52 -3.14
CA SER B 79 4.91 -12.47 -4.20
C SER B 79 5.19 -11.31 -5.16
N PHE B 80 5.49 -10.12 -4.62
CA PHE B 80 5.76 -8.97 -5.46
C PHE B 80 6.97 -9.23 -6.38
N GLY B 81 8.00 -9.89 -5.84
CA GLY B 81 9.19 -10.15 -6.63
C GLY B 81 8.95 -11.18 -7.73
N ASN B 82 8.23 -12.26 -7.39
CA ASN B 82 7.87 -13.25 -8.38
C ASN B 82 7.02 -12.60 -9.49
N ASP B 83 6.09 -11.72 -9.10
CA ASP B 83 5.26 -11.05 -10.08
C ASP B 83 6.10 -10.12 -10.94
N TYR B 84 7.09 -9.44 -10.35
CA TYR B 84 7.90 -8.53 -11.14
C TYR B 84 8.66 -9.34 -12.21
N ILE B 85 9.24 -10.45 -11.81
CA ILE B 85 9.96 -11.28 -12.78
C ILE B 85 9.05 -11.65 -13.95
N GLU B 86 7.80 -12.04 -13.67
N GLU B 86 7.79 -12.04 -13.67
CA GLU B 86 6.88 -12.37 -14.74
CA GLU B 86 6.86 -12.36 -14.73
C GLU B 86 6.59 -11.15 -15.61
C GLU B 86 6.60 -11.14 -15.62
N ASN B 87 6.48 -9.96 -15.00
CA ASN B 87 6.31 -8.73 -15.75
C ASN B 87 7.46 -8.52 -16.75
N LEU B 88 8.69 -8.71 -16.31
CA LEU B 88 9.83 -8.48 -17.20
C LEU B 88 9.79 -9.51 -18.34
N LYS B 89 9.48 -10.76 -18.03
CA LYS B 89 9.41 -11.79 -19.05
C LYS B 89 8.31 -11.48 -20.06
N GLN B 90 7.16 -10.96 -19.60
N GLN B 90 7.15 -11.00 -19.60
CA GLN B 90 6.05 -10.70 -20.52
CA GLN B 90 6.02 -10.68 -20.48
C GLN B 90 6.36 -9.52 -21.44
C GLN B 90 6.41 -9.57 -21.47
N ASN B 91 7.34 -8.69 -21.05
CA ASN B 91 7.80 -7.58 -21.84
C ASN B 91 9.07 -7.93 -22.65
N ASP B 92 9.41 -9.23 -22.72
CA ASP B 92 10.49 -9.76 -23.55
C ASP B 92 11.85 -9.26 -23.08
N ILE B 93 11.96 -9.00 -21.77
CA ILE B 93 13.21 -8.56 -21.17
C ILE B 93 13.98 -9.77 -20.60
N SER B 94 15.30 -9.85 -20.83
CA SER B 94 16.10 -10.89 -20.18
C SER B 94 16.14 -10.67 -18.67
N THR B 95 15.90 -11.75 -17.92
CA THR B 95 15.98 -11.76 -16.48
C THR B 95 17.12 -12.66 -16.00
N GLU B 96 18.12 -12.86 -16.85
CA GLU B 96 19.30 -13.65 -16.48
C GLU B 96 19.96 -13.14 -15.19
N PHE B 97 19.97 -11.82 -15.00
CA PHE B 97 20.60 -11.15 -13.88
C PHE B 97 19.57 -10.33 -13.08
N THR B 98 18.32 -10.79 -13.06
CA THR B 98 17.34 -10.35 -12.08
C THR B 98 17.44 -11.32 -10.89
N TYR B 99 17.97 -10.82 -9.78
CA TYR B 99 18.19 -11.64 -8.60
C TYR B 99 17.00 -11.56 -7.63
N GLN B 100 16.92 -12.52 -6.71
CA GLN B 100 15.94 -12.48 -5.63
C GLN B 100 16.62 -12.73 -4.28
N THR B 101 16.21 -11.99 -3.26
CA THR B 101 16.79 -12.13 -1.94
C THR B 101 15.70 -12.29 -0.87
N LYS B 102 16.01 -13.07 0.17
CA LYS B 102 15.12 -13.17 1.33
C LYS B 102 15.40 -12.06 2.34
N ASP B 103 16.45 -11.25 2.15
CA ASP B 103 16.88 -10.32 3.18
C ASP B 103 16.20 -8.98 3.20
N ALA B 104 15.42 -8.70 2.14
CA ALA B 104 14.57 -7.52 2.09
C ALA B 104 13.40 -7.82 1.17
N ALA B 105 12.29 -7.16 1.45
CA ALA B 105 11.14 -7.16 0.57
C ALA B 105 11.50 -6.48 -0.75
N THR B 106 10.77 -6.86 -1.80
CA THR B 106 10.80 -6.13 -3.07
C THR B 106 10.58 -4.64 -2.78
N GLY B 107 11.29 -3.75 -3.49
CA GLY B 107 11.09 -2.32 -3.30
C GLY B 107 9.63 -1.94 -3.55
N THR B 108 9.20 -0.94 -2.77
CA THR B 108 7.82 -0.48 -2.83
C THR B 108 7.75 1.05 -2.91
N ALA B 109 6.75 1.52 -3.66
CA ALA B 109 6.36 2.93 -3.63
C ALA B 109 4.90 3.00 -3.21
N SER B 110 4.68 3.50 -2.00
CA SER B 110 3.33 3.66 -1.48
C SER B 110 2.89 5.07 -1.82
N ILE B 111 1.84 5.18 -2.64
CA ILE B 111 1.45 6.43 -3.28
C ILE B 111 -0.02 6.71 -2.92
N ILE B 112 -0.27 7.86 -2.30
N ILE B 112 -0.27 7.89 -2.34
CA ILE B 112 -1.63 8.31 -2.06
CA ILE B 112 -1.63 8.33 -2.01
C ILE B 112 -1.84 9.50 -2.99
C ILE B 112 -1.93 9.57 -2.86
N VAL B 113 -2.94 9.51 -3.75
CA VAL B 113 -3.21 10.54 -4.74
C VAL B 113 -4.63 11.04 -4.52
N ASN B 114 -4.88 12.36 -4.46
CA ASN B 114 -6.24 12.88 -4.45
C ASN B 114 -6.75 13.16 -5.87
N ASN B 115 -7.99 13.65 -6.01
CA ASN B 115 -8.62 13.78 -7.32
C ASN B 115 -8.08 15.00 -8.06
N GLU B 116 -7.32 15.86 -7.38
CA GLU B 116 -6.63 16.96 -8.03
C GLU B 116 -5.22 16.56 -8.44
N GLY B 117 -4.78 15.35 -8.08
CA GLY B 117 -3.46 14.87 -8.47
C GLY B 117 -2.38 15.21 -7.45
N GLN B 118 -2.77 15.77 -6.29
CA GLN B 118 -1.79 15.99 -5.23
C GLN B 118 -1.50 14.68 -4.52
N ASN B 119 -0.27 14.48 -4.04
CA ASN B 119 0.12 13.16 -3.58
C ASN B 119 1.04 13.20 -2.36
N ILE B 120 1.07 12.06 -1.68
CA ILE B 120 2.05 11.72 -0.66
C ILE B 120 2.67 10.40 -1.10
N ILE B 121 4.00 10.33 -1.09
CA ILE B 121 4.68 9.12 -1.56
C ILE B 121 5.73 8.70 -0.56
N VAL B 122 5.74 7.41 -0.23
CA VAL B 122 6.78 6.83 0.59
C VAL B 122 7.42 5.66 -0.17
N ILE B 123 8.70 5.82 -0.48
N ILE B 123 8.72 5.82 -0.35
CA ILE B 123 9.46 4.80 -1.19
CA ILE B 123 9.56 4.91 -1.09
C ILE B 123 10.33 4.03 -0.19
C ILE B 123 10.36 4.04 -0.13
N VAL B 124 10.27 2.71 -0.26
CA VAL B 124 11.13 1.82 0.51
C VAL B 124 11.88 1.01 -0.53
N ALA B 125 13.16 1.35 -0.72
CA ALA B 125 13.91 0.76 -1.84
C ALA B 125 14.12 -0.75 -1.65
N GLY B 126 14.26 -1.19 -0.39
CA GLY B 126 14.26 -2.63 -0.09
C GLY B 126 15.35 -3.41 -0.83
N ALA B 127 14.93 -4.51 -1.44
CA ALA B 127 15.84 -5.44 -2.11
C ALA B 127 16.68 -4.75 -3.18
N ASN B 128 16.18 -3.65 -3.77
CA ASN B 128 16.97 -2.93 -4.77
C ASN B 128 18.36 -2.57 -4.24
N LEU B 129 18.43 -2.18 -2.96
CA LEU B 129 19.66 -1.73 -2.35
C LEU B 129 20.67 -2.86 -2.17
N LEU B 130 20.20 -4.10 -2.21
CA LEU B 130 21.05 -5.25 -1.97
C LEU B 130 21.66 -5.79 -3.27
N LEU B 131 21.37 -5.18 -4.43
CA LEU B 131 22.12 -5.51 -5.65
C LEU B 131 23.55 -5.02 -5.44
N ASN B 132 24.52 -5.94 -5.41
CA ASN B 132 25.88 -5.56 -5.01
C ASN B 132 26.85 -5.75 -6.15
N THR B 133 28.13 -5.44 -5.89
CA THR B 133 29.13 -5.48 -6.95
C THR B 133 29.43 -6.91 -7.40
N GLU B 134 29.24 -7.91 -6.52
CA GLU B 134 29.42 -9.31 -6.88
C GLU B 134 28.36 -9.72 -7.91
N ASP B 135 27.13 -9.30 -7.65
CA ASP B 135 25.99 -9.55 -8.54
C ASP B 135 26.27 -8.95 -9.92
N LEU B 136 26.84 -7.73 -9.95
N LEU B 136 26.90 -7.79 -9.93
CA LEU B 136 27.17 -7.07 -11.20
CA LEU B 136 27.09 -7.10 -11.18
C LEU B 136 28.21 -7.84 -11.97
C LEU B 136 28.26 -7.72 -11.96
N ARG B 137 29.25 -8.26 -11.22
CA ARG B 137 30.40 -8.86 -11.87
C ARG B 137 29.97 -10.09 -12.69
N ALA B 138 28.92 -10.78 -12.23
CA ALA B 138 28.42 -11.94 -12.94
C ALA B 138 27.89 -11.58 -14.33
N ALA B 139 27.47 -10.30 -14.52
CA ALA B 139 26.91 -9.84 -15.77
C ALA B 139 27.95 -9.21 -16.69
N ALA B 140 29.24 -9.36 -16.36
CA ALA B 140 30.29 -8.66 -17.07
C ALA B 140 30.27 -8.92 -18.58
N ASN B 141 30.03 -10.16 -18.98
CA ASN B 141 30.08 -10.51 -20.39
C ASN B 141 28.93 -9.86 -21.14
N VAL B 142 27.73 -9.86 -20.54
CA VAL B 142 26.59 -9.22 -21.17
C VAL B 142 26.82 -7.70 -21.26
N ILE B 143 27.36 -7.09 -20.20
CA ILE B 143 27.63 -5.66 -20.25
C ILE B 143 28.62 -5.36 -21.37
N SER B 144 29.67 -6.18 -21.51
CA SER B 144 30.73 -5.87 -22.44
C SER B 144 30.26 -5.95 -23.89
N ARG B 145 29.17 -6.71 -24.16
CA ARG B 145 28.64 -6.93 -25.49
C ARG B 145 27.48 -5.99 -25.83
N ALA B 146 27.07 -5.13 -24.87
CA ALA B 146 25.97 -4.21 -25.07
C ALA B 146 26.43 -2.97 -25.82
N LYS B 147 25.43 -2.17 -26.23
CA LYS B 147 25.66 -0.88 -26.85
C LYS B 147 25.46 0.25 -25.85
N VAL B 148 24.48 0.10 -24.94
CA VAL B 148 24.10 1.15 -23.98
C VAL B 148 23.90 0.50 -22.62
N MET B 149 24.39 1.18 -21.58
CA MET B 149 24.16 0.87 -20.18
C MET B 149 23.38 2.04 -19.59
N VAL B 150 22.27 1.73 -18.92
CA VAL B 150 21.40 2.76 -18.32
C VAL B 150 21.35 2.57 -16.82
N CYS B 151 21.57 3.67 -16.07
CA CYS B 151 21.51 3.66 -14.61
C CYS B 151 20.74 4.88 -14.11
N GLN B 152 20.25 4.79 -12.87
CA GLN B 152 19.56 5.88 -12.18
C GLN B 152 20.11 5.99 -10.74
N LEU B 153 19.37 6.67 -9.87
CA LEU B 153 19.78 6.86 -8.49
C LEU B 153 18.81 6.19 -7.51
N GLU B 154 18.29 5.02 -7.89
CA GLU B 154 17.35 4.29 -7.05
C GLU B 154 17.92 3.02 -6.44
N ILE B 155 19.18 2.68 -6.72
CA ILE B 155 19.85 1.56 -6.08
C ILE B 155 21.01 2.12 -5.24
N THR B 156 21.87 1.24 -4.75
CA THR B 156 22.98 1.71 -3.92
C THR B 156 24.02 2.37 -4.81
N PRO B 157 24.51 3.59 -4.48
CA PRO B 157 25.42 4.29 -5.38
C PRO B 157 26.68 3.53 -5.83
N ALA B 158 27.31 2.77 -4.92
CA ALA B 158 28.51 2.05 -5.30
C ALA B 158 28.21 1.07 -6.44
N THR B 159 27.02 0.45 -6.44
CA THR B 159 26.70 -0.51 -7.48
C THR B 159 26.54 0.21 -8.81
N SER B 160 25.81 1.34 -8.83
CA SER B 160 25.66 2.07 -10.09
C SER B 160 27.01 2.59 -10.60
N LEU B 161 27.88 3.05 -9.69
CA LEU B 161 29.18 3.53 -10.15
C LEU B 161 30.00 2.40 -10.78
N GLU B 162 29.94 1.20 -10.17
CA GLU B 162 30.64 0.06 -10.72
C GLU B 162 30.08 -0.31 -12.09
N ALA B 163 28.75 -0.25 -12.27
CA ALA B 163 28.13 -0.57 -13.56
C ALA B 163 28.63 0.42 -14.63
N LEU B 164 28.63 1.71 -14.30
CA LEU B 164 29.10 2.69 -15.25
C LEU B 164 30.57 2.48 -15.62
N THR B 165 31.37 2.15 -14.59
CA THR B 165 32.80 1.88 -14.79
C THR B 165 33.00 0.69 -15.74
N MET B 166 32.25 -0.38 -15.52
CA MET B 166 32.36 -1.57 -16.35
C MET B 166 31.99 -1.25 -17.79
N ALA B 167 30.92 -0.47 -17.97
CA ALA B 167 30.52 -0.07 -19.30
C ALA B 167 31.65 0.72 -19.97
N ARG B 168 32.23 1.69 -19.26
CA ARG B 168 33.28 2.52 -19.84
C ARG B 168 34.47 1.67 -20.27
N ARG B 169 34.85 0.69 -19.44
CA ARG B 169 35.97 -0.18 -19.73
C ARG B 169 35.79 -0.94 -21.05
N SER B 170 34.54 -1.23 -21.42
CA SER B 170 34.26 -1.95 -22.67
C SER B 170 33.82 -1.03 -23.81
N GLY B 171 33.85 0.29 -23.61
CA GLY B 171 33.45 1.24 -24.64
C GLY B 171 31.93 1.29 -24.85
N VAL B 172 31.16 0.85 -23.85
CA VAL B 172 29.70 0.85 -23.92
C VAL B 172 29.20 2.24 -23.54
N LYS B 173 28.23 2.79 -24.30
CA LYS B 173 27.73 4.14 -24.04
C LYS B 173 26.96 4.16 -22.72
N THR B 174 27.24 5.16 -21.87
CA THR B 174 26.56 5.26 -20.57
C THR B 174 25.50 6.36 -20.63
N LEU B 175 24.29 5.99 -20.25
CA LEU B 175 23.12 6.87 -20.12
C LEU B 175 22.72 6.89 -18.66
N PHE B 176 22.89 8.04 -18.02
CA PHE B 176 22.64 8.17 -16.60
C PHE B 176 21.51 9.16 -16.35
N ASN B 177 20.57 8.74 -15.51
CA ASN B 177 19.41 9.52 -15.14
C ASN B 177 19.49 9.79 -13.63
N PRO B 178 19.92 10.96 -13.16
CA PRO B 178 20.14 11.24 -11.73
C PRO B 178 18.84 11.49 -11.00
N ALA B 179 18.07 10.41 -10.87
CA ALA B 179 16.71 10.50 -10.40
C ALA B 179 16.47 9.39 -9.40
N PRO B 180 15.89 9.69 -8.21
CA PRO B 180 15.70 11.06 -7.72
C PRO B 180 17.03 11.76 -7.42
N ALA B 181 17.05 13.08 -7.52
CA ALA B 181 18.30 13.81 -7.36
C ALA B 181 18.59 14.09 -5.88
N ILE B 182 19.88 14.18 -5.57
CA ILE B 182 20.38 14.61 -4.26
C ILE B 182 21.42 15.69 -4.52
N ALA B 183 21.48 16.69 -3.64
CA ALA B 183 22.35 17.85 -3.83
C ALA B 183 23.83 17.48 -4.02
N ASP B 184 24.37 16.52 -3.26
CA ASP B 184 25.83 16.41 -3.25
C ASP B 184 26.28 15.12 -3.92
N LEU B 185 25.85 14.92 -5.16
CA LEU B 185 26.10 13.69 -5.90
C LEU B 185 27.61 13.47 -6.06
N ASP B 186 28.04 12.21 -5.86
CA ASP B 186 29.42 11.81 -6.11
C ASP B 186 29.88 12.35 -7.45
N PRO B 187 31.06 13.03 -7.52
CA PRO B 187 31.52 13.56 -8.80
C PRO B 187 31.68 12.56 -9.93
N GLN B 188 31.90 11.28 -9.60
CA GLN B 188 32.10 10.27 -10.63
C GLN B 188 30.83 10.04 -11.44
N PHE B 189 29.66 10.38 -10.88
CA PHE B 189 28.47 10.18 -11.68
C PHE B 189 28.55 11.04 -12.94
N TYR B 190 29.12 12.24 -12.85
CA TYR B 190 29.19 13.09 -14.04
C TYR B 190 30.25 12.58 -15.00
N THR B 191 31.42 12.25 -14.45
CA THR B 191 32.57 11.91 -15.28
C THR B 191 32.43 10.56 -15.97
N LEU B 192 31.56 9.69 -15.46
CA LEU B 192 31.27 8.40 -16.06
C LEU B 192 30.08 8.40 -17.00
N SER B 193 29.44 9.57 -17.19
N SER B 193 29.41 9.54 -17.14
CA SER B 193 28.21 9.71 -17.97
CA SER B 193 28.22 9.59 -17.97
C SER B 193 28.47 10.25 -19.36
C SER B 193 28.55 10.18 -19.34
N ASP B 194 28.20 9.42 -20.36
CA ASP B 194 28.26 9.88 -21.75
C ASP B 194 27.07 10.79 -22.07
N VAL B 195 25.91 10.42 -21.53
CA VAL B 195 24.68 11.15 -21.69
C VAL B 195 24.02 11.22 -20.32
N PHE B 196 23.76 12.44 -19.85
CA PHE B 196 23.24 12.70 -18.52
C PHE B 196 21.87 13.37 -18.74
N CYS B 197 20.80 12.72 -18.30
CA CYS B 197 19.45 13.19 -18.61
C CYS B 197 18.62 13.32 -17.33
N CYS B 198 18.07 14.51 -17.06
CA CYS B 198 17.25 14.74 -15.88
C CYS B 198 16.13 15.73 -16.21
N ASN B 199 15.21 15.93 -15.26
CA ASN B 199 14.13 16.89 -15.42
C ASN B 199 14.47 18.22 -14.74
N GLU B 200 13.56 19.20 -14.84
CA GLU B 200 13.84 20.53 -14.32
C GLU B 200 14.04 20.51 -12.80
N SER B 201 13.20 19.77 -12.07
N SER B 201 13.20 19.76 -12.08
CA SER B 201 13.31 19.79 -10.62
CA SER B 201 13.28 19.73 -10.63
C SER B 201 14.61 19.13 -10.16
C SER B 201 14.62 19.14 -10.19
N GLU B 202 15.02 18.05 -10.84
CA GLU B 202 16.31 17.42 -10.57
C GLU B 202 17.46 18.37 -10.88
N ALA B 203 17.38 19.11 -11.98
CA ALA B 203 18.42 20.07 -12.33
C ALA B 203 18.57 21.13 -11.24
N GLU B 204 17.44 21.61 -10.70
CA GLU B 204 17.46 22.57 -9.61
C GLU B 204 18.19 22.00 -8.38
N ILE B 205 17.85 20.77 -8.01
CA ILE B 205 18.47 20.16 -6.83
C ILE B 205 19.98 20.00 -7.05
N LEU B 206 20.37 19.55 -8.26
CA LEU B 206 21.77 19.27 -8.51
C LEU B 206 22.62 20.54 -8.62
N THR B 207 22.05 21.65 -9.13
CA THR B 207 22.85 22.83 -9.46
C THR B 207 22.61 23.99 -8.50
N GLY B 208 21.46 24.00 -7.82
CA GLY B 208 21.07 25.12 -7.00
C GLY B 208 20.48 26.28 -7.78
N LEU B 209 20.29 26.11 -9.10
CA LEU B 209 19.71 27.18 -9.92
C LEU B 209 18.21 26.97 -10.00
N THR B 210 17.48 28.06 -10.16
CA THR B 210 16.06 28.03 -10.47
C THR B 210 15.89 27.78 -11.96
N VAL B 211 15.02 26.84 -12.30
CA VAL B 211 14.74 26.51 -13.70
C VAL B 211 13.26 26.71 -13.98
N GLY B 212 12.94 27.82 -14.66
CA GLY B 212 11.56 28.18 -14.95
C GLY B 212 11.27 28.34 -16.44
N SER B 213 12.29 28.11 -17.26
CA SER B 213 12.25 28.36 -18.70
C SER B 213 13.29 27.46 -19.37
N ALA B 214 13.20 27.38 -20.70
CA ALA B 214 14.18 26.65 -21.48
C ALA B 214 15.55 27.32 -21.35
N ALA B 215 15.59 28.66 -21.37
CA ALA B 215 16.83 29.38 -21.18
C ALA B 215 17.45 29.05 -19.82
N ASP B 216 16.65 29.03 -18.76
CA ASP B 216 17.14 28.68 -17.43
C ASP B 216 17.69 27.25 -17.42
N ALA B 217 17.00 26.34 -18.10
CA ALA B 217 17.46 24.96 -18.18
C ALA B 217 18.81 24.90 -18.86
N GLY B 218 19.03 25.73 -19.89
CA GLY B 218 20.31 25.76 -20.59
C GLY B 218 21.42 26.15 -19.64
N GLU B 219 21.15 27.06 -18.69
CA GLU B 219 22.19 27.46 -17.77
C GLU B 219 22.48 26.33 -16.81
N ALA B 220 21.44 25.66 -16.31
CA ALA B 220 21.65 24.53 -15.40
C ALA B 220 22.42 23.43 -16.12
N ALA B 221 22.07 23.18 -17.39
CA ALA B 221 22.70 22.10 -18.14
C ALA B 221 24.20 22.35 -18.24
N LEU B 222 24.58 23.61 -18.38
CA LEU B 222 25.99 23.94 -18.57
C LEU B 222 26.77 23.65 -17.28
N VAL B 223 26.19 23.88 -16.12
CA VAL B 223 26.84 23.49 -14.88
C VAL B 223 27.13 21.99 -14.88
N LEU B 224 26.11 21.20 -15.24
CA LEU B 224 26.25 19.74 -15.27
C LEU B 224 27.33 19.34 -16.27
N LEU B 225 27.35 19.99 -17.44
CA LEU B 225 28.36 19.69 -18.44
C LEU B 225 29.77 19.93 -17.89
N LYS B 226 29.97 21.05 -17.18
CA LYS B 226 31.27 21.41 -16.65
C LYS B 226 31.73 20.48 -15.53
N ARG B 227 30.81 19.76 -14.90
CA ARG B 227 31.16 18.76 -13.90
C ARG B 227 31.69 17.48 -14.55
N GLY B 228 31.57 17.33 -15.88
CA GLY B 228 32.27 16.24 -16.53
C GLY B 228 31.44 15.36 -17.48
N CYS B 229 30.16 15.68 -17.65
CA CYS B 229 29.28 14.94 -18.57
C CYS B 229 29.69 15.28 -20.01
N GLN B 230 29.42 14.34 -20.94
N GLN B 230 29.36 14.40 -20.96
CA GLN B 230 29.69 14.60 -22.35
CA GLN B 230 29.67 14.73 -22.33
C GLN B 230 28.50 15.31 -23.02
C GLN B 230 28.47 15.34 -23.06
N VAL B 231 27.28 14.87 -22.70
CA VAL B 231 26.02 15.40 -23.25
C VAL B 231 25.08 15.54 -22.07
N VAL B 232 24.34 16.66 -22.04
CA VAL B 232 23.36 16.90 -20.98
C VAL B 232 22.01 17.21 -21.62
N ILE B 233 20.97 16.53 -21.15
CA ILE B 233 19.60 16.75 -21.60
C ILE B 233 18.77 17.06 -20.36
N ILE B 234 18.03 18.16 -20.41
CA ILE B 234 17.04 18.46 -19.38
C ILE B 234 15.67 18.41 -20.02
N THR B 235 14.83 17.52 -19.51
CA THR B 235 13.44 17.40 -19.96
C THR B 235 12.62 18.48 -19.26
N LEU B 236 11.64 19.01 -20.01
CA LEU B 236 10.86 20.18 -19.60
C LEU B 236 9.36 19.88 -19.66
N GLY B 237 8.95 18.63 -19.42
CA GLY B 237 7.55 18.28 -19.49
C GLY B 237 6.97 18.65 -20.86
N ALA B 238 5.87 19.41 -20.87
CA ALA B 238 5.20 19.78 -22.09
C ALA B 238 6.04 20.69 -23.00
N GLU B 239 7.15 21.25 -22.50
CA GLU B 239 7.98 22.14 -23.32
C GLU B 239 9.10 21.39 -24.03
N GLY B 240 9.11 20.04 -23.96
CA GLY B 240 10.08 19.24 -24.70
C GLY B 240 11.34 19.02 -23.87
N CYS B 241 12.50 19.40 -24.46
CA CYS B 241 13.77 19.23 -23.78
C CYS B 241 14.78 20.26 -24.29
N VAL B 242 15.88 20.37 -23.54
CA VAL B 242 17.02 21.19 -23.90
C VAL B 242 18.26 20.30 -23.87
N VAL B 243 19.15 20.45 -24.87
CA VAL B 243 20.36 19.65 -24.93
C VAL B 243 21.58 20.52 -25.19
N LEU B 244 22.70 20.12 -24.57
CA LEU B 244 23.99 20.67 -24.94
C LEU B 244 25.05 19.60 -24.77
N SER B 245 26.21 19.83 -25.38
CA SER B 245 27.26 18.81 -25.34
C SER B 245 28.63 19.47 -25.31
N GLN B 246 29.67 18.70 -24.97
CA GLN B 246 31.01 19.24 -24.95
C GLN B 246 31.35 19.77 -26.35
N THR B 247 30.89 19.10 -27.41
CA THR B 247 31.24 19.53 -28.77
C THR B 247 30.38 20.70 -29.24
N GLU B 248 29.15 20.80 -28.72
CA GLU B 248 28.21 21.88 -29.05
C GLU B 248 27.57 22.41 -27.77
N PRO B 249 28.28 23.27 -27.00
CA PRO B 249 27.78 23.71 -25.68
C PRO B 249 26.67 24.74 -25.67
N GLU B 250 26.30 25.27 -26.84
CA GLU B 250 25.17 26.18 -26.92
C GLU B 250 23.88 25.39 -26.71
N PRO B 251 22.98 25.77 -25.78
CA PRO B 251 21.75 25.00 -25.61
C PRO B 251 20.85 25.03 -26.84
N LYS B 252 20.26 23.88 -27.15
CA LYS B 252 19.25 23.72 -28.20
C LYS B 252 17.96 23.26 -27.53
N HIS B 253 16.90 24.02 -27.74
CA HIS B 253 15.58 23.67 -27.25
C HIS B 253 14.85 22.88 -28.32
N ILE B 254 14.44 21.65 -27.98
N ILE B 254 14.38 21.69 -27.97
CA ILE B 254 13.66 20.77 -28.84
CA ILE B 254 13.65 20.84 -28.89
C ILE B 254 12.22 20.76 -28.32
C ILE B 254 12.22 20.72 -28.36
N PRO B 255 11.28 21.50 -28.94
CA PRO B 255 9.89 21.52 -28.48
C PRO B 255 9.18 20.26 -28.93
N THR B 256 8.00 20.05 -28.33
CA THR B 256 7.15 18.93 -28.69
C THR B 256 5.76 19.49 -28.98
N GLU B 257 5.02 18.85 -29.90
CA GLU B 257 3.67 19.32 -30.21
C GLU B 257 2.77 19.11 -28.99
N LYS B 258 1.82 20.04 -28.81
CA LYS B 258 0.83 19.99 -27.74
C LYS B 258 -0.06 18.75 -27.91
N VAL B 259 -0.24 18.02 -26.81
CA VAL B 259 -1.21 16.93 -26.71
C VAL B 259 -2.04 17.15 -25.45
N LYS B 260 -3.17 16.44 -25.37
CA LYS B 260 -4.01 16.47 -24.18
C LYS B 260 -3.55 15.34 -23.27
N ALA B 261 -2.93 15.68 -22.14
CA ALA B 261 -2.39 14.67 -21.25
C ALA B 261 -3.50 14.05 -20.41
N VAL B 262 -3.48 12.71 -20.36
CA VAL B 262 -4.35 11.93 -19.49
C VAL B 262 -3.66 11.70 -18.14
N ASP B 263 -2.36 11.38 -18.19
CA ASP B 263 -1.59 11.06 -17.00
C ASP B 263 -0.11 11.15 -17.36
N THR B 264 0.60 12.13 -16.80
CA THR B 264 2.00 12.35 -17.13
C THR B 264 2.92 11.44 -16.33
N THR B 265 2.38 10.61 -15.44
CA THR B 265 3.22 9.73 -14.64
C THR B 265 4.00 8.82 -15.57
N GLY B 266 5.31 8.71 -15.31
CA GLY B 266 6.15 7.79 -16.08
C GLY B 266 6.70 8.34 -17.39
N ALA B 267 6.37 9.59 -17.74
CA ALA B 267 6.79 10.16 -19.01
C ALA B 267 8.30 10.26 -19.10
N GLY B 268 8.96 10.64 -18.01
CA GLY B 268 10.42 10.76 -18.04
C GLY B 268 11.11 9.42 -18.29
N ASP B 269 10.60 8.34 -17.70
CA ASP B 269 11.18 7.03 -17.93
C ASP B 269 10.89 6.55 -19.35
N SER B 270 9.74 6.91 -19.93
CA SER B 270 9.46 6.63 -21.32
C SER B 270 10.51 7.32 -22.21
N PHE B 271 10.75 8.60 -21.94
CA PHE B 271 11.75 9.37 -22.68
C PHE B 271 13.13 8.73 -22.59
N VAL B 272 13.57 8.37 -21.39
CA VAL B 272 14.91 7.81 -21.23
C VAL B 272 15.00 6.43 -21.90
N GLY B 273 13.96 5.59 -21.77
CA GLY B 273 13.97 4.31 -22.43
C GLY B 273 14.00 4.45 -23.95
N ALA B 274 13.26 5.42 -24.50
CA ALA B 274 13.29 5.68 -25.92
C ALA B 274 14.69 6.12 -26.37
N LEU B 275 15.29 7.01 -25.59
CA LEU B 275 16.62 7.49 -25.92
C LEU B 275 17.60 6.31 -25.93
N ALA B 276 17.50 5.39 -24.94
CA ALA B 276 18.37 4.22 -24.90
C ALA B 276 18.25 3.41 -26.18
N PHE B 277 17.00 3.19 -26.61
CA PHE B 277 16.73 2.46 -27.83
C PHE B 277 17.41 3.12 -29.03
N TYR B 278 17.24 4.44 -29.18
CA TYR B 278 17.84 5.15 -30.33
C TYR B 278 19.38 5.14 -30.25
N LEU B 279 19.95 5.34 -29.06
CA LEU B 279 21.40 5.29 -28.92
C LEU B 279 21.95 3.93 -29.32
N ALA B 280 21.22 2.85 -29.00
CA ALA B 280 21.68 1.50 -29.27
C ALA B 280 21.49 1.10 -30.73
N TYR B 281 20.34 1.44 -31.32
CA TYR B 281 19.96 0.88 -32.60
C TYR B 281 20.06 1.87 -33.77
N TYR B 282 20.11 3.17 -33.49
CA TYR B 282 20.13 4.20 -34.51
C TYR B 282 21.25 5.19 -34.26
N PRO B 283 22.50 4.72 -34.06
CA PRO B 283 23.58 5.58 -33.58
C PRO B 283 23.98 6.72 -34.51
N ASN B 284 23.64 6.60 -35.81
CA ASN B 284 24.00 7.60 -36.80
C ASN B 284 22.99 8.73 -36.92
N LEU B 285 21.82 8.62 -36.28
CA LEU B 285 20.92 9.77 -36.18
C LEU B 285 21.61 10.87 -35.40
N SER B 286 21.27 12.13 -35.71
CA SER B 286 21.74 13.24 -34.91
C SER B 286 21.09 13.19 -33.55
N LEU B 287 21.74 13.78 -32.55
CA LEU B 287 21.18 13.83 -31.21
C LEU B 287 19.82 14.51 -31.25
N GLU B 288 19.71 15.62 -31.99
CA GLU B 288 18.46 16.35 -32.12
C GLU B 288 17.34 15.45 -32.66
N ASP B 289 17.65 14.62 -33.66
CA ASP B 289 16.65 13.72 -34.21
C ASP B 289 16.25 12.66 -33.18
N MET B 290 17.21 12.06 -32.51
CA MET B 290 16.88 11.12 -31.45
C MET B 290 15.95 11.76 -30.41
N LEU B 291 16.21 13.01 -30.03
CA LEU B 291 15.44 13.68 -28.98
C LEU B 291 14.05 14.05 -29.47
N ASN B 292 13.93 14.44 -30.75
CA ASN B 292 12.62 14.66 -31.34
C ASN B 292 11.80 13.37 -31.24
N ARG B 293 12.37 12.23 -31.59
CA ARG B 293 11.62 10.98 -31.58
C ARG B 293 11.28 10.56 -30.14
N SER B 294 12.21 10.77 -29.22
CA SER B 294 12.01 10.40 -27.83
C SER B 294 10.94 11.28 -27.19
N ASN B 295 10.94 12.57 -27.50
CA ASN B 295 9.89 13.46 -27.06
C ASN B 295 8.55 12.95 -27.57
N PHE B 296 8.46 12.49 -28.82
CA PHE B 296 7.18 12.07 -29.38
C PHE B 296 6.68 10.83 -28.65
N ILE B 297 7.57 9.86 -28.42
CA ILE B 297 7.16 8.64 -27.74
C ILE B 297 6.72 8.93 -26.31
N ALA B 298 7.45 9.77 -25.58
CA ALA B 298 7.04 10.14 -24.23
C ALA B 298 5.67 10.84 -24.24
N ALA B 299 5.42 11.68 -25.25
CA ALA B 299 4.14 12.37 -25.37
C ALA B 299 3.01 11.39 -25.70
N VAL B 300 3.29 10.27 -26.36
CA VAL B 300 2.28 9.22 -26.47
C VAL B 300 1.95 8.69 -25.08
N SER B 301 2.99 8.42 -24.29
CA SER B 301 2.79 7.80 -22.99
C SER B 301 1.86 8.68 -22.11
N VAL B 302 1.94 10.01 -22.23
CA VAL B 302 1.13 10.87 -21.35
C VAL B 302 -0.35 10.80 -21.72
N GLN B 303 -0.69 10.21 -22.88
CA GLN B 303 -2.07 10.16 -23.33
C GLN B 303 -2.78 8.89 -22.91
N ALA B 304 -2.18 8.13 -21.98
CA ALA B 304 -2.81 6.96 -21.38
C ALA B 304 -2.51 6.91 -19.89
N ALA B 305 -3.46 6.33 -19.13
CA ALA B 305 -3.35 6.22 -17.69
C ALA B 305 -2.27 5.22 -17.32
N GLY B 306 -1.62 5.48 -16.19
CA GLY B 306 -0.66 4.54 -15.64
C GLY B 306 0.76 4.81 -16.14
N THR B 307 1.67 3.97 -15.69
CA THR B 307 3.07 4.09 -16.02
C THR B 307 3.38 3.09 -17.13
N GLN B 308 3.81 1.87 -16.80
CA GLN B 308 4.18 0.91 -17.84
C GLN B 308 3.03 0.59 -18.79
N SER B 309 1.79 0.63 -18.30
CA SER B 309 0.65 0.35 -19.17
C SER B 309 0.48 1.38 -20.27
N SER B 310 1.07 2.59 -20.12
CA SER B 310 0.93 3.66 -21.09
C SER B 310 2.03 3.65 -22.15
N TYR B 311 3.07 2.81 -21.97
CA TYR B 311 4.23 2.89 -22.84
C TYR B 311 3.92 2.21 -24.17
N PRO B 312 4.05 2.94 -25.30
CA PRO B 312 3.67 2.37 -26.59
C PRO B 312 4.62 1.32 -27.13
N TYR B 313 4.04 0.39 -27.90
CA TYR B 313 4.76 -0.57 -28.70
C TYR B 313 5.07 -0.02 -30.08
N LYS B 314 6.16 -0.53 -30.66
CA LYS B 314 6.51 -0.17 -32.03
C LYS B 314 5.33 -0.27 -33.00
N LYS B 315 4.55 -1.35 -32.90
CA LYS B 315 3.47 -1.62 -33.86
C LYS B 315 2.38 -0.54 -33.82
N ASP B 316 2.27 0.19 -32.70
CA ASP B 316 1.22 1.18 -32.52
C ASP B 316 1.72 2.61 -32.78
N LEU B 317 2.96 2.75 -33.25
CA LEU B 317 3.59 4.05 -33.44
C LEU B 317 3.76 4.34 -34.93
N PRO B 318 3.89 5.63 -35.32
CA PRO B 318 4.17 5.99 -36.72
C PRO B 318 5.45 5.35 -37.26
N LEU B 319 5.41 4.89 -38.52
CA LEU B 319 6.56 4.21 -39.15
C LEU B 319 7.79 5.11 -39.19
N THR B 320 7.58 6.43 -39.36
CA THR B 320 8.70 7.35 -39.54
C THR B 320 9.62 7.37 -38.31
N LEU B 321 9.14 6.93 -37.14
CA LEU B 321 9.99 6.87 -35.96
C LEU B 321 11.07 5.78 -36.08
N PHE B 322 10.94 4.86 -37.04
CA PHE B 322 11.83 3.71 -37.14
C PHE B 322 12.58 3.68 -38.47
N LEU B 323 12.47 4.75 -39.27
CA LEU B 323 13.25 4.93 -40.49
C LEU B 323 14.60 5.61 -40.17
N GLU B 324 15.61 5.46 -41.03
CA GLU B 324 16.90 6.03 -40.68
C GLU B 324 17.26 7.14 -41.68
C1 EDO C . 1.89 -13.26 3.14
O1 EDO C . 1.04 -14.37 3.50
C2 EDO C . 1.62 -11.98 3.91
O2 EDO C . 1.96 -12.12 5.30
PG ANP D . -9.65 -0.74 17.73
O1G ANP D . -11.09 -0.97 17.41
O2G ANP D . -9.03 0.07 16.62
O3G ANP D . -8.98 -2.09 17.67
PB ANP D . -10.79 1.03 19.94
O1B ANP D . -12.16 0.71 19.48
O2B ANP D . -10.39 2.44 20.20
N3B ANP D . -9.58 0.12 19.17
PA ANP D . -10.21 1.08 22.88
O1A ANP D . -9.04 2.00 22.75
O2A ANP D . -11.46 1.60 23.52
O3A ANP D . -10.58 0.46 21.45
O5' ANP D . -9.72 -0.25 23.65
C5' ANP D . -10.65 -1.35 23.82
C4' ANP D . -10.28 -2.05 25.09
O4' ANP D . -8.86 -2.31 25.08
C3' ANP D . -10.51 -1.24 26.37
O3' ANP D . -11.86 -1.35 26.82
C2' ANP D . -9.52 -1.94 27.31
O2' ANP D . -10.13 -3.11 27.84
C1' ANP D . -8.33 -2.25 26.38
N9 ANP D . -7.26 -1.25 26.35
C8 ANP D . -6.99 -0.34 25.36
N7 ANP D . -5.96 0.43 25.63
C5 ANP D . -5.51 -0.02 26.87
C6 ANP D . -4.47 0.38 27.71
N6 ANP D . -3.62 1.37 27.42
N1 ANP D . -4.31 -0.30 28.88
C2 ANP D . -5.16 -1.29 29.17
N3 ANP D . -6.19 -1.74 28.45
C4 ANP D . -6.29 -1.07 27.30
MG MG E . -12.95 -0.53 17.93
K K F . -1.04 -4.93 20.22
O1 PG4 G . 2.40 -9.76 -16.32
C1 PG4 G . 2.73 -10.31 -15.06
C2 PG4 G . 1.52 -10.67 -14.25
O2 PG4 G . 1.92 -11.15 -12.96
C3 PG4 G . 0.93 -10.92 -11.95
C4 PG4 G . 1.05 -9.50 -11.49
O3 PG4 G . 0.05 -9.06 -10.58
C5 PG4 G . 0.21 -7.65 -10.30
C6 PG4 G . -0.41 -6.90 -11.43
O4 PG4 G . 0.01 -5.54 -11.51
C7 PG4 G . -0.26 -5.00 -12.79
C8 PG4 G . -1.74 -4.84 -12.95
O5 PG4 G . -2.22 -5.01 -14.25
PG ANP H . 9.32 10.58 -14.64
O1G ANP H . 10.81 10.43 -14.54
O2G ANP H . 9.02 10.41 -13.17
O3G ANP H . 8.81 9.31 -15.29
PB ANP H . 10.02 13.47 -15.43
O1B ANP H . 11.42 13.00 -15.30
O2B ANP H . 9.59 14.61 -14.55
N3B ANP H . 8.96 12.14 -15.22
PA ANP H . 9.15 15.22 -17.64
O1A ANP H . 7.96 15.68 -16.86
O2A ANP H . 10.28 16.22 -17.89
O3A ANP H . 9.74 13.91 -16.94
O5' ANP H . 8.65 14.59 -19.03
C5' ANP H . 9.55 13.81 -19.84
C4' ANP H . 9.22 14.02 -21.28
O4' ANP H . 7.84 13.60 -21.46
C3' ANP H . 9.23 15.47 -21.79
O3' ANP H . 10.52 15.91 -22.21
C2' ANP H . 8.23 15.38 -22.95
O2' ANP H . 8.83 14.90 -24.14
C1' ANP H . 7.19 14.40 -22.42
N9 ANP H . 6.07 15.02 -21.77
C8 ANP H . 5.87 15.18 -20.42
N7 ANP H . 4.78 15.85 -20.15
C5 ANP H . 4.24 16.15 -21.41
C6 ANP H . 3.09 16.84 -21.79
N6 ANP H . 2.20 17.35 -20.94
N1 ANP H . 2.87 16.98 -23.12
C2 ANP H . 3.76 16.46 -23.99
N3 ANP H . 4.86 15.77 -23.74
C4 ANP H . 5.04 15.65 -22.41
O1 PG4 I . 17.19 -6.60 -33.36
C1 PG4 I . 16.14 -5.72 -33.03
C2 PG4 I . 15.98 -4.69 -34.08
O2 PG4 I . 15.78 -3.42 -33.48
C3 PG4 I . 15.57 -2.40 -34.47
C4 PG4 I . 16.90 -1.93 -34.97
O3 PG4 I . 16.81 -1.25 -36.21
C5 PG4 I . 18.05 -1.24 -36.93
C6 PG4 I . 17.93 -2.16 -38.12
O4 PG4 I . 19.19 -2.75 -38.47
C7 PG4 I . 19.12 -3.86 -39.38
C8 PG4 I . 18.66 -5.14 -38.70
O5 PG4 I . 19.59 -6.23 -38.75
MG MG J . 12.56 11.34 -14.72
K K K . 1.10 7.77 -18.61
CL CL L . 15.14 0.37 2.25
#